data_5J1V
#
_entry.id   5J1V
#
_cell.length_a   56.471
_cell.length_b   116.021
_cell.length_c   90.108
_cell.angle_alpha   90.00
_cell.angle_beta   99.28
_cell.angle_gamma   90.00
#
_symmetry.space_group_name_H-M   'P 1 21 1'
#
loop_
_entity.id
_entity.type
_entity.pdbx_description
1 polymer 'Dual specificity protein kinase CLK1'
2 non-polymer pyrido[3,4-g]quinazoline-2,10-diamine
3 non-polymer GLYCEROL
4 water water
#
_entity_poly.entity_id   1
_entity_poly.type   'polypeptide(L)'
_entity_poly.pdbx_seq_one_letter_code
;SMHLICQSGDVLSARYEIVDTLGEGAFGKVVECIDHKAGGRHVAVKIVKNVDRYCEAARSEIQVLEHLNTTDPNSTFRCV
QMLEWFEHHGHICIVFELLGLSTYDFIKENGFLPFRLDHIRKMAYQICKSVNFLHSNKLTHTDLKPENILFVQSDYTEAY
NPKIKRDERTLINPDIKVVDFGSATYDDEHHSTLVSTRHYRAPEVILALGWSQPCDVWSIGCILIEYYLGFTVFPTHDSK
EHLAMMERILGPLPKHMIQKTRKRKYFHHDRLDWDEHSSAGRYVSRACKPLKEFMLSQDVEHERLFDLIQKMLEYDPAKR
ITLREALKHPFFDLLKKSI
;
_entity_poly.pdbx_strand_id   A,B,C
#
loop_
_chem_comp.id
_chem_comp.type
_chem_comp.name
_chem_comp.formula
6FD non-polymer pyrido[3,4-g]quinazoline-2,10-diamine 'C11 H9 N5'
GOL non-polymer GLYCEROL 'C3 H8 O3'
#
# COMPACT_ATOMS: atom_id res chain seq x y z
N SER A 1 -10.51 3.49 -36.61
CA SER A 1 -11.02 2.11 -36.86
C SER A 1 -12.36 1.81 -36.27
N MET A 2 -12.71 2.47 -35.18
CA MET A 2 -14.01 2.23 -34.54
C MET A 2 -15.12 2.87 -35.35
N HIS A 3 -14.86 4.03 -35.94
CA HIS A 3 -15.84 4.68 -36.82
C HIS A 3 -16.25 3.77 -38.00
N LEU A 4 -15.38 2.84 -38.38
CA LEU A 4 -15.71 1.92 -39.47
C LEU A 4 -16.81 0.95 -39.13
N ILE A 5 -17.13 0.77 -37.86
CA ILE A 5 -18.06 -0.30 -37.46
C ILE A 5 -19.17 0.14 -36.52
N CYS A 6 -19.38 1.44 -36.38
CA CYS A 6 -20.34 1.95 -35.40
C CYS A 6 -21.36 2.89 -36.01
N GLN A 7 -21.52 2.86 -37.34
CA GLN A 7 -22.41 3.81 -38.06
C GLN A 7 -23.86 3.36 -38.18
N SER A 8 -24.78 4.32 -38.33
CA SER A 8 -26.20 4.03 -38.54
C SER A 8 -26.41 3.06 -39.64
N GLY A 9 -27.19 2.02 -39.37
CA GLY A 9 -27.51 1.01 -40.40
C GLY A 9 -26.68 -0.24 -40.27
N ASP A 10 -25.52 -0.13 -39.64
CA ASP A 10 -24.66 -1.28 -39.45
C ASP A 10 -25.38 -2.30 -38.63
N VAL A 11 -25.08 -3.56 -38.88
CA VAL A 11 -25.62 -4.64 -38.09
C VAL A 11 -24.48 -5.34 -37.36
N LEU A 12 -24.62 -5.51 -36.07
CA LEU A 12 -23.62 -6.19 -35.27
C LEU A 12 -24.10 -7.58 -34.94
N SER A 13 -23.19 -8.54 -35.12
CA SER A 13 -23.43 -9.91 -34.70
C SER A 13 -24.70 -10.45 -35.36
N ALA A 14 -24.93 -10.05 -36.60
CA ALA A 14 -26.10 -10.49 -37.38
C ALA A 14 -27.44 -10.30 -36.64
N ARG A 15 -27.53 -9.28 -35.82
CA ARG A 15 -28.66 -9.17 -34.90
C ARG A 15 -29.08 -7.74 -34.64
N TYR A 16 -28.11 -6.89 -34.26
CA TYR A 16 -28.39 -5.55 -33.73
C TYR A 16 -28.12 -4.47 -34.79
N GLU A 17 -29.15 -3.71 -35.17
CA GLU A 17 -29.00 -2.67 -36.12
C GLU A 17 -28.80 -1.32 -35.43
N ILE A 18 -27.69 -0.67 -35.73
CA ILE A 18 -27.38 0.61 -35.14
C ILE A 18 -28.32 1.70 -35.64
N VAL A 19 -28.96 2.39 -34.70
CA VAL A 19 -29.83 3.53 -34.97
C VAL A 19 -29.06 4.83 -34.87
N ASP A 20 -28.37 5.04 -33.74
CA ASP A 20 -27.72 6.32 -33.47
C ASP A 20 -26.79 6.20 -32.25
N THR A 21 -25.96 7.21 -32.06
CA THR A 21 -25.02 7.24 -30.93
C THR A 21 -25.64 7.86 -29.67
N LEU A 22 -25.45 7.20 -28.55
CA LEU A 22 -25.99 7.64 -27.29
C LEU A 22 -24.94 8.41 -26.53
N GLY A 23 -23.71 7.91 -26.51
CA GLY A 23 -22.61 8.63 -25.95
C GLY A 23 -21.28 8.14 -26.42
N GLU A 24 -20.27 8.97 -26.21
CA GLU A 24 -18.90 8.67 -26.59
C GLU A 24 -17.99 8.97 -25.43
N GLY A 25 -16.88 8.26 -25.39
CA GLY A 25 -15.84 8.50 -24.40
C GLY A 25 -14.52 8.07 -25.00
N ALA A 26 -13.48 8.01 -24.16
CA ALA A 26 -12.21 7.45 -24.63
C ALA A 26 -12.27 5.93 -24.60
N PHE A 27 -13.23 5.37 -23.86
CA PHE A 27 -13.43 3.93 -23.84
C PHE A 27 -13.97 3.40 -25.14
N GLY A 28 -14.72 4.22 -25.86
CA GLY A 28 -15.42 3.80 -27.07
C GLY A 28 -16.74 4.55 -27.11
N LYS A 29 -17.81 3.89 -27.51
CA LYS A 29 -19.11 4.54 -27.55
C LYS A 29 -20.25 3.62 -27.23
N VAL A 30 -21.41 4.23 -27.02
CA VAL A 30 -22.58 3.48 -26.77
C VAL A 30 -23.56 3.90 -27.84
N VAL A 31 -24.14 2.91 -28.51
CA VAL A 31 -25.08 3.17 -29.56
C VAL A 31 -26.42 2.52 -29.22
N GLU A 32 -27.48 3.19 -29.62
CA GLU A 32 -28.79 2.57 -29.60
C GLU A 32 -28.92 1.65 -30.77
N CYS A 33 -29.47 0.46 -30.54
CA CYS A 33 -29.72 -0.50 -31.60
C CYS A 33 -31.10 -1.09 -31.51
N ILE A 34 -31.58 -1.50 -32.68
CA ILE A 34 -32.76 -2.36 -32.81
C ILE A 34 -32.33 -3.82 -32.81
N ASP A 35 -32.84 -4.59 -31.84
CA ASP A 35 -32.55 -6.01 -31.75
C ASP A 35 -33.53 -6.80 -32.60
N HIS A 36 -33.11 -7.21 -33.79
CA HIS A 36 -34.00 -7.92 -34.73
C HIS A 36 -34.31 -9.32 -34.36
N LYS A 37 -33.55 -9.93 -33.46
CA LYS A 37 -33.89 -11.26 -32.97
C LYS A 37 -34.75 -11.22 -31.71
N ALA A 38 -35.06 -10.04 -31.21
CA ALA A 38 -35.99 -9.89 -30.07
C ALA A 38 -37.13 -8.95 -30.42
N GLY A 39 -37.63 -9.07 -31.63
CA GLY A 39 -38.88 -8.46 -32.02
C GLY A 39 -38.79 -7.00 -32.37
N GLY A 40 -37.59 -6.44 -32.41
CA GLY A 40 -37.42 -4.99 -32.65
C GLY A 40 -37.11 -4.15 -31.41
N ARG A 41 -37.01 -4.80 -30.26
CA ARG A 41 -36.70 -4.12 -29.01
C ARG A 41 -35.46 -3.31 -29.19
N HIS A 42 -35.48 -2.07 -28.70
CA HIS A 42 -34.30 -1.26 -28.70
C HIS A 42 -33.44 -1.58 -27.48
N VAL A 43 -32.13 -1.60 -27.69
CA VAL A 43 -31.18 -1.86 -26.65
C VAL A 43 -30.01 -0.87 -26.80
N ALA A 44 -29.09 -0.91 -25.85
CA ALA A 44 -27.90 -0.08 -25.90
C ALA A 44 -26.72 -1.00 -25.99
N VAL A 45 -25.83 -0.70 -26.90
CA VAL A 45 -24.65 -1.51 -27.06
C VAL A 45 -23.44 -0.65 -26.87
N LYS A 46 -22.57 -1.12 -25.98
CA LYS A 46 -21.30 -0.47 -25.72
C LYS A 46 -20.24 -1.14 -26.55
N ILE A 47 -19.64 -0.38 -27.45
CA ILE A 47 -18.57 -0.86 -28.30
C ILE A 47 -17.25 -0.29 -27.77
N VAL A 48 -16.36 -1.17 -27.36
CA VAL A 48 -15.18 -0.77 -26.62
C VAL A 48 -14.00 -0.65 -27.54
N LYS A 49 -13.23 0.43 -27.41
CA LYS A 49 -12.03 0.61 -28.22
C LYS A 49 -11.11 -0.58 -28.06
N ASN A 50 -10.44 -0.93 -29.15
CA ASN A 50 -9.60 -2.09 -29.15
C ASN A 50 -8.22 -1.75 -28.60
N VAL A 51 -8.18 -1.58 -27.28
CA VAL A 51 -7.01 -1.09 -26.56
C VAL A 51 -7.00 -1.76 -25.19
N ASP A 52 -5.88 -2.38 -24.81
CA ASP A 52 -5.79 -3.22 -23.60
C ASP A 52 -6.39 -2.58 -22.35
N ARG A 53 -6.02 -1.34 -22.07
CA ARG A 53 -6.59 -0.61 -20.95
C ARG A 53 -8.12 -0.81 -20.94
N TYR A 54 -8.79 -0.42 -22.02
CA TYR A 54 -10.26 -0.43 -22.06
C TYR A 54 -10.83 -1.82 -22.26
N CYS A 55 -10.06 -2.68 -22.88
CA CYS A 55 -10.48 -4.05 -23.07
C CYS A 55 -10.59 -4.79 -21.74
N GLU A 56 -9.58 -4.63 -20.90
CA GLU A 56 -9.58 -5.28 -19.60
C GLU A 56 -10.71 -4.74 -18.74
N ALA A 57 -10.91 -3.42 -18.79
CA ALA A 57 -12.03 -2.78 -18.10
C ALA A 57 -13.38 -3.39 -18.48
N ALA A 58 -13.53 -3.76 -19.75
CA ALA A 58 -14.78 -4.33 -20.25
C ALA A 58 -14.97 -5.75 -19.79
N ARG A 59 -13.90 -6.53 -19.80
CA ARG A 59 -13.96 -7.91 -19.32
C ARG A 59 -14.28 -7.88 -17.83
N SER A 60 -13.69 -6.91 -17.13
CA SER A 60 -13.95 -6.72 -15.73
C SER A 60 -15.41 -6.34 -15.45
N GLU A 61 -15.94 -5.41 -16.24
CA GLU A 61 -17.32 -4.99 -16.10
C GLU A 61 -18.26 -6.18 -16.33
N ILE A 62 -17.95 -7.03 -17.31
CA ILE A 62 -18.77 -8.19 -17.58
C ILE A 62 -18.78 -9.09 -16.35
N GLN A 63 -17.63 -9.33 -15.75
CA GLN A 63 -17.57 -10.13 -14.54
C GLN A 63 -18.49 -9.51 -13.50
N VAL A 64 -18.30 -8.22 -13.23
CA VAL A 64 -19.05 -7.55 -12.19
C VAL A 64 -20.56 -7.55 -12.44
N LEU A 65 -20.99 -7.34 -13.68
CA LEU A 65 -22.42 -7.33 -13.95
C LEU A 65 -23.05 -8.71 -13.96
N GLU A 66 -22.26 -9.74 -14.15
CA GLU A 66 -22.82 -11.07 -14.10
C GLU A 66 -23.13 -11.39 -12.66
N HIS A 67 -22.24 -10.97 -11.77
CA HIS A 67 -22.45 -11.06 -10.33
C HIS A 67 -23.70 -10.27 -9.90
N LEU A 68 -23.76 -9.00 -10.24
CA LEU A 68 -24.83 -8.15 -9.77
C LEU A 68 -26.18 -8.51 -10.39
N ASN A 69 -26.23 -8.76 -11.67
CA ASN A 69 -27.50 -9.10 -12.33
C ASN A 69 -28.04 -10.46 -11.83
N THR A 70 -27.17 -11.31 -11.29
CA THR A 70 -27.55 -12.58 -10.72
C THR A 70 -28.07 -12.40 -9.31
N THR A 71 -27.31 -11.71 -8.48
CA THR A 71 -27.76 -11.35 -7.16
C THR A 71 -29.10 -10.60 -7.21
N ASP A 72 -29.26 -9.72 -8.20
CA ASP A 72 -30.40 -8.80 -8.24
C ASP A 72 -31.06 -8.78 -9.63
N PRO A 73 -31.66 -9.91 -10.01
CA PRO A 73 -32.23 -10.05 -11.34
C PRO A 73 -33.35 -9.07 -11.65
N ASN A 74 -34.12 -8.65 -10.66
CA ASN A 74 -35.18 -7.68 -10.88
C ASN A 74 -34.70 -6.25 -10.80
N SER A 75 -33.42 -6.07 -10.46
CA SER A 75 -32.83 -4.74 -10.39
C SER A 75 -33.51 -3.88 -9.33
N THR A 76 -33.85 -4.50 -8.22
CA THR A 76 -34.36 -3.80 -7.06
C THR A 76 -33.42 -2.68 -6.69
N PHE A 77 -32.11 -2.96 -6.77
CA PHE A 77 -31.10 -1.98 -6.42
C PHE A 77 -30.57 -1.12 -7.58
N ARG A 78 -31.23 -1.20 -8.74
CA ARG A 78 -31.06 -0.17 -9.81
C ARG A 78 -29.68 -0.08 -10.50
N CYS A 79 -28.97 -1.19 -10.58
CA CYS A 79 -27.85 -1.31 -11.51
C CYS A 79 -28.43 -1.73 -12.84
N VAL A 80 -27.91 -1.16 -13.90
CA VAL A 80 -28.30 -1.48 -15.29
C VAL A 80 -28.12 -2.98 -15.58
N GLN A 81 -29.09 -3.57 -16.26
CA GLN A 81 -29.04 -4.98 -16.66
C GLN A 81 -28.22 -5.16 -17.95
N MET A 82 -27.21 -6.02 -17.88
CA MET A 82 -26.50 -6.47 -19.06
C MET A 82 -27.22 -7.67 -19.68
N LEU A 83 -27.61 -7.54 -20.95
CA LEU A 83 -28.32 -8.61 -21.65
C LEU A 83 -27.42 -9.62 -22.32
N GLU A 84 -26.26 -9.21 -22.80
CA GLU A 84 -25.39 -10.10 -23.58
C GLU A 84 -24.07 -9.38 -23.84
N TRP A 85 -23.04 -10.14 -24.21
CA TRP A 85 -21.85 -9.55 -24.74
C TRP A 85 -21.37 -10.37 -25.94
N PHE A 86 -20.57 -9.75 -26.81
CA PHE A 86 -20.04 -10.44 -27.97
C PHE A 86 -18.86 -9.69 -28.60
N GLU A 87 -18.20 -10.35 -29.53
CA GLU A 87 -17.06 -9.79 -30.26
C GLU A 87 -17.57 -9.38 -31.64
N HIS A 88 -17.12 -8.24 -32.12
CA HIS A 88 -17.48 -7.77 -33.46
C HIS A 88 -16.30 -7.09 -34.10
N HIS A 89 -15.75 -7.71 -35.14
CA HIS A 89 -14.55 -7.20 -35.77
C HIS A 89 -13.52 -6.77 -34.73
N GLY A 90 -13.22 -7.66 -33.78
CA GLY A 90 -12.12 -7.45 -32.82
C GLY A 90 -12.48 -6.51 -31.69
N HIS A 91 -13.74 -6.14 -31.60
CA HIS A 91 -14.16 -5.20 -30.59
C HIS A 91 -15.13 -5.91 -29.65
N ILE A 92 -14.93 -5.72 -28.36
CA ILE A 92 -15.87 -6.22 -27.38
C ILE A 92 -17.09 -5.32 -27.35
N CYS A 93 -18.26 -5.93 -27.42
CA CYS A 93 -19.50 -5.20 -27.37
C CYS A 93 -20.32 -5.77 -26.23
N ILE A 94 -20.96 -4.90 -25.44
CA ILE A 94 -21.75 -5.35 -24.33
C ILE A 94 -23.11 -4.75 -24.46
N VAL A 95 -24.12 -5.59 -24.32
CA VAL A 95 -25.49 -5.16 -24.61
C VAL A 95 -26.16 -4.89 -23.30
N PHE A 96 -26.87 -3.78 -23.25
CA PHE A 96 -27.62 -3.38 -22.06
C PHE A 96 -29.04 -3.04 -22.41
N GLU A 97 -29.90 -3.11 -21.40
CA GLU A 97 -31.23 -2.55 -21.49
C GLU A 97 -31.06 -1.09 -21.89
N LEU A 98 -31.97 -0.58 -22.70
CA LEU A 98 -31.91 0.79 -23.12
C LEU A 98 -32.53 1.69 -22.07
N LEU A 99 -31.81 2.74 -21.67
CA LEU A 99 -32.33 3.70 -20.71
C LEU A 99 -32.49 5.06 -21.36
N GLY A 100 -32.87 6.07 -20.57
CA GLY A 100 -33.02 7.45 -21.03
C GLY A 100 -31.72 8.21 -20.96
N LEU A 101 -31.82 9.53 -21.06
CA LEU A 101 -30.69 10.41 -20.90
C LEU A 101 -30.01 10.24 -19.55
N SER A 102 -28.69 10.46 -19.55
CA SER A 102 -27.98 10.62 -18.30
C SER A 102 -28.41 11.92 -17.62
N THR A 103 -28.19 11.97 -16.31
CA THR A 103 -28.59 13.14 -15.56
C THR A 103 -27.75 14.29 -16.05
N TYR A 104 -26.54 13.99 -16.51
CA TYR A 104 -25.73 15.05 -17.14
C TYR A 104 -26.33 15.63 -18.44
N ASP A 105 -26.75 14.78 -19.36
CA ASP A 105 -27.28 15.30 -20.61
C ASP A 105 -28.55 16.08 -20.34
N PHE A 106 -29.34 15.63 -19.39
CA PHE A 106 -30.58 16.33 -19.12
C PHE A 106 -30.28 17.76 -18.65
N ILE A 107 -29.37 17.89 -17.70
CA ILE A 107 -28.98 19.20 -17.19
C ILE A 107 -28.43 20.05 -18.31
N LYS A 108 -27.56 19.46 -19.13
CA LYS A 108 -26.97 20.15 -20.27
C LYS A 108 -28.01 20.67 -21.23
N GLU A 109 -28.93 19.81 -21.63
CA GLU A 109 -29.92 20.16 -22.64
C GLU A 109 -30.99 21.09 -22.12
N ASN A 110 -31.04 21.24 -20.80
CA ASN A 110 -31.95 22.13 -20.13
C ASN A 110 -31.26 23.44 -19.75
N GLY A 111 -30.13 23.73 -20.38
CA GLY A 111 -29.46 24.99 -20.22
C GLY A 111 -28.69 25.09 -18.92
N PHE A 112 -28.22 23.95 -18.42
CA PHE A 112 -27.49 23.90 -17.18
C PHE A 112 -28.31 24.55 -16.05
N LEU A 113 -29.52 24.04 -15.83
CA LEU A 113 -30.34 24.47 -14.70
C LEU A 113 -30.48 23.31 -13.77
N PRO A 114 -30.76 23.61 -12.51
CA PRO A 114 -30.85 22.51 -11.55
C PRO A 114 -32.15 21.73 -11.65
N PHE A 115 -32.16 20.54 -11.08
CA PHE A 115 -33.38 19.82 -10.82
C PHE A 115 -34.17 20.40 -9.62
N ARG A 116 -35.49 20.24 -9.65
CA ARG A 116 -36.35 20.54 -8.51
C ARG A 116 -36.00 19.66 -7.33
N LEU A 117 -36.17 20.20 -6.14
CA LEU A 117 -35.69 19.55 -4.90
C LEU A 117 -36.35 18.18 -4.65
N ASP A 118 -37.66 18.09 -4.89
CA ASP A 118 -38.35 16.81 -4.73
C ASP A 118 -37.81 15.74 -5.70
N HIS A 119 -37.39 16.10 -6.91
CA HIS A 119 -36.72 15.11 -7.77
C HIS A 119 -35.33 14.75 -7.25
N ILE A 120 -34.58 15.75 -6.82
CA ILE A 120 -33.30 15.46 -6.23
C ILE A 120 -33.45 14.45 -5.11
N ARG A 121 -34.48 14.61 -4.29
CA ARG A 121 -34.68 13.72 -3.17
C ARG A 121 -34.85 12.25 -3.62
N LYS A 122 -35.75 12.01 -4.57
CA LYS A 122 -35.98 10.64 -5.05
C LYS A 122 -34.71 10.10 -5.68
N MET A 123 -34.06 10.94 -6.50
CA MET A 123 -32.86 10.51 -7.21
C MET A 123 -31.76 10.20 -6.22
N ALA A 124 -31.59 11.08 -5.23
CA ALA A 124 -30.54 10.87 -4.27
C ALA A 124 -30.76 9.57 -3.49
N TYR A 125 -32.01 9.26 -3.18
CA TYR A 125 -32.30 8.08 -2.43
C TYR A 125 -31.93 6.86 -3.30
N GLN A 126 -32.39 6.84 -4.52
CA GLN A 126 -32.06 5.72 -5.43
C GLN A 126 -30.57 5.56 -5.65
N ILE A 127 -29.83 6.67 -5.82
CA ILE A 127 -28.40 6.55 -6.01
C ILE A 127 -27.80 5.90 -4.77
N CYS A 128 -28.14 6.38 -3.59
CA CYS A 128 -27.60 5.87 -2.35
C CYS A 128 -27.93 4.40 -2.09
N LYS A 129 -29.16 4.02 -2.42
CA LYS A 129 -29.58 2.64 -2.30
C LYS A 129 -28.79 1.72 -3.24
N SER A 130 -28.63 2.17 -4.47
CA SER A 130 -27.91 1.43 -5.44
C SER A 130 -26.44 1.22 -5.06
N VAL A 131 -25.74 2.32 -4.80
CA VAL A 131 -24.32 2.20 -4.50
C VAL A 131 -24.15 1.46 -3.17
N ASN A 132 -25.11 1.62 -2.26
CA ASN A 132 -25.00 0.92 -0.99
C ASN A 132 -25.09 -0.58 -1.18
N PHE A 133 -25.91 -0.99 -2.13
CA PHE A 133 -25.94 -2.39 -2.53
C PHE A 133 -24.58 -2.85 -3.08
N LEU A 134 -23.91 -2.03 -3.90
CA LEU A 134 -22.55 -2.36 -4.30
C LEU A 134 -21.68 -2.55 -3.09
N HIS A 135 -21.74 -1.61 -2.15
CA HIS A 135 -20.92 -1.66 -0.95
C HIS A 135 -21.20 -2.92 -0.12
N SER A 136 -22.45 -3.36 -0.08
CA SER A 136 -22.79 -4.65 0.54
C SER A 136 -22.07 -5.81 -0.08
N ASN A 137 -21.81 -5.74 -1.38
CA ASN A 137 -21.12 -6.81 -2.09
C ASN A 137 -19.63 -6.60 -2.20
N LYS A 138 -19.07 -5.83 -1.27
CA LYS A 138 -17.63 -5.59 -1.21
C LYS A 138 -17.09 -4.97 -2.51
N LEU A 139 -17.88 -4.08 -3.11
CA LEU A 139 -17.49 -3.34 -4.30
C LEU A 139 -17.49 -1.84 -4.05
N THR A 140 -16.50 -1.16 -4.63
CA THR A 140 -16.49 0.29 -4.80
C THR A 140 -16.64 0.57 -6.29
N HIS A 141 -17.50 1.50 -6.65
CA HIS A 141 -17.76 1.84 -8.07
C HIS A 141 -16.60 2.65 -8.64
N THR A 142 -16.24 3.73 -7.93
CA THR A 142 -15.06 4.59 -8.20
C THR A 142 -15.23 5.66 -9.26
N ASP A 143 -16.24 5.54 -10.09
CA ASP A 143 -16.44 6.48 -11.15
C ASP A 143 -17.88 7.02 -11.18
N LEU A 144 -18.41 7.35 -10.00
CA LEU A 144 -19.76 7.88 -9.98
C LEU A 144 -19.70 9.32 -10.37
N LYS A 145 -20.63 9.69 -11.23
CA LYS A 145 -20.75 11.05 -11.72
C LYS A 145 -22.04 11.15 -12.51
N PRO A 146 -22.45 12.36 -12.83
CA PRO A 146 -23.81 12.46 -13.37
C PRO A 146 -23.95 11.79 -14.74
N GLU A 147 -22.86 11.67 -15.50
CA GLU A 147 -22.91 10.88 -16.77
C GLU A 147 -23.24 9.42 -16.54
N ASN A 148 -22.90 8.87 -15.37
CA ASN A 148 -23.11 7.46 -15.07
C ASN A 148 -24.35 7.18 -14.24
N ILE A 149 -25.21 8.17 -14.12
CA ILE A 149 -26.54 7.99 -13.57
C ILE A 149 -27.50 8.33 -14.68
N LEU A 150 -28.44 7.44 -14.95
CA LEU A 150 -29.32 7.59 -16.08
C LEU A 150 -30.78 7.47 -15.65
N PHE A 151 -31.61 8.35 -16.21
CA PHE A 151 -32.99 8.18 -16.09
C PHE A 151 -33.42 6.91 -16.80
N VAL A 152 -34.32 6.20 -16.16
CA VAL A 152 -34.94 5.02 -16.73
C VAL A 152 -35.79 5.42 -17.93
N GLN A 153 -36.53 6.49 -17.81
CA GLN A 153 -37.15 7.10 -18.97
C GLN A 153 -37.08 8.59 -18.79
N SER A 154 -36.75 9.29 -19.87
CA SER A 154 -36.49 10.74 -19.82
C SER A 154 -37.62 11.56 -20.52
N ASP A 155 -38.73 10.90 -20.88
CA ASP A 155 -39.98 11.59 -21.16
C ASP A 155 -40.19 12.83 -20.26
N TYR A 156 -40.72 13.89 -20.84
CA TYR A 156 -40.88 15.16 -20.14
C TYR A 156 -42.12 15.90 -20.61
N THR A 157 -42.72 16.70 -19.73
CA THR A 157 -43.78 17.63 -20.10
C THR A 157 -43.19 19.03 -20.17
N GLU A 158 -43.86 19.89 -20.91
CA GLU A 158 -43.42 21.25 -21.10
C GLU A 158 -44.41 22.26 -20.55
N ALA A 159 -43.88 23.32 -19.96
CA ALA A 159 -44.70 24.41 -19.45
C ALA A 159 -43.86 25.68 -19.49
N TYR A 160 -44.51 26.80 -19.77
CA TYR A 160 -43.83 28.09 -19.76
C TYR A 160 -43.67 28.58 -18.31
N ASN A 161 -42.56 28.21 -17.67
CA ASN A 161 -42.26 28.67 -16.30
C ASN A 161 -41.65 30.08 -16.33
N PRO A 162 -42.45 31.12 -15.98
CA PRO A 162 -42.00 32.50 -16.17
C PRO A 162 -41.03 32.99 -15.07
N LYS A 163 -40.62 32.10 -14.15
CA LYS A 163 -39.52 32.38 -13.22
C LYS A 163 -38.18 32.53 -13.95
N ILE A 164 -38.07 31.95 -15.14
CA ILE A 164 -36.91 32.14 -16.04
C ILE A 164 -37.28 32.84 -17.37
N LYS A 165 -38.57 32.88 -17.70
CA LYS A 165 -39.08 33.55 -18.92
C LYS A 165 -38.90 32.66 -20.17
N ARG A 166 -38.90 31.34 -19.97
CA ARG A 166 -38.49 30.38 -20.99
C ARG A 166 -39.28 29.07 -20.86
N ASP A 167 -39.64 28.45 -21.99
CA ASP A 167 -40.24 27.10 -22.00
C ASP A 167 -39.40 26.16 -21.15
N GLU A 168 -40.03 25.18 -20.50
CA GLU A 168 -39.30 24.35 -19.52
C GLU A 168 -39.58 22.87 -19.67
N ARG A 169 -38.52 22.08 -19.52
CA ARG A 169 -38.63 20.64 -19.60
C ARG A 169 -38.72 20.13 -18.16
N THR A 170 -39.74 19.32 -17.89
CA THR A 170 -39.91 18.73 -16.56
C THR A 170 -40.06 17.23 -16.66
N LEU A 171 -39.22 16.52 -15.90
CA LEU A 171 -39.25 15.07 -15.86
C LEU A 171 -40.60 14.58 -15.42
N ILE A 172 -41.15 13.63 -16.17
CA ILE A 172 -42.30 12.89 -15.69
C ILE A 172 -41.81 12.00 -14.58
N ASN A 173 -40.95 11.07 -14.92
CA ASN A 173 -40.49 10.07 -13.99
C ASN A 173 -39.02 10.23 -13.69
N PRO A 174 -38.67 10.47 -12.43
CA PRO A 174 -37.28 10.69 -12.10
C PRO A 174 -36.48 9.45 -11.68
N ASP A 175 -37.01 8.27 -11.90
CA ASP A 175 -36.25 7.06 -11.57
C ASP A 175 -34.95 7.00 -12.35
N ILE A 176 -33.91 6.53 -11.67
CA ILE A 176 -32.62 6.35 -12.29
C ILE A 176 -32.05 4.93 -12.15
N LYS A 177 -31.02 4.64 -12.93
CA LYS A 177 -30.14 3.51 -12.67
C LYS A 177 -28.72 3.98 -12.73
N VAL A 178 -27.82 3.18 -12.14
CA VAL A 178 -26.38 3.42 -12.21
C VAL A 178 -25.80 2.59 -13.32
N VAL A 179 -24.86 3.16 -14.08
CA VAL A 179 -24.16 2.43 -15.13
C VAL A 179 -22.66 2.54 -14.96
N ASP A 180 -21.97 1.77 -15.80
CA ASP A 180 -20.53 1.80 -15.97
C ASP A 180 -19.77 1.19 -14.83
N PHE A 181 -19.57 -0.13 -14.91
CA PHE A 181 -18.92 -0.87 -13.87
C PHE A 181 -17.53 -1.35 -14.26
N GLY A 182 -16.93 -0.72 -15.24
CA GLY A 182 -15.60 -1.10 -15.67
C GLY A 182 -14.44 -0.66 -14.80
N SER A 183 -14.68 0.21 -13.83
CA SER A 183 -13.67 0.57 -12.84
C SER A 183 -13.98 -0.01 -11.48
N ALA A 184 -15.09 -0.73 -11.37
CA ALA A 184 -15.54 -1.19 -10.11
C ALA A 184 -14.55 -2.19 -9.55
N THR A 185 -14.28 -2.09 -8.25
CA THR A 185 -13.22 -2.84 -7.62
C THR A 185 -13.72 -3.53 -6.37
N TYR A 186 -13.38 -4.80 -6.24
CA TYR A 186 -13.67 -5.56 -5.03
C TYR A 186 -12.67 -5.19 -3.93
N ASP A 187 -13.11 -5.29 -2.67
CA ASP A 187 -12.26 -4.98 -1.52
C ASP A 187 -10.90 -5.68 -1.59
N ASP A 188 -10.89 -6.89 -2.13
CA ASP A 188 -9.67 -7.70 -2.21
C ASP A 188 -8.80 -7.42 -3.43
N GLU A 189 -9.39 -6.90 -4.50
CA GLU A 189 -8.62 -6.57 -5.71
C GLU A 189 -7.56 -5.52 -5.43
N HIS A 190 -6.60 -5.42 -6.36
CA HIS A 190 -5.66 -4.31 -6.39
C HIS A 190 -6.42 -3.01 -6.60
N HIS A 191 -6.07 -2.00 -5.82
CA HIS A 191 -6.65 -0.67 -5.95
C HIS A 191 -5.64 0.22 -6.68
N SER A 192 -5.92 0.57 -7.95
CA SER A 192 -5.04 1.51 -8.68
C SER A 192 -4.92 2.86 -7.97
N THR A 193 -3.82 3.54 -8.15
CA THR A 193 -3.59 4.79 -7.43
C THR A 193 -4.47 6.00 -7.87
N LEU A 194 -4.72 6.13 -9.17
CA LEU A 194 -5.65 7.16 -9.71
C LEU A 194 -6.97 6.54 -10.08
N VAL A 195 -8.03 6.89 -9.35
CA VAL A 195 -9.40 6.55 -9.75
C VAL A 195 -10.31 7.79 -9.83
N SER A 196 -11.50 7.59 -10.42
CA SER A 196 -12.53 8.64 -10.52
C SER A 196 -12.17 9.74 -11.54
N THR A 197 -13.20 10.31 -12.14
CA THR A 197 -13.06 11.50 -13.01
C THR A 197 -12.77 12.69 -12.11
N ARG A 198 -11.81 13.53 -12.54
CA ARG A 198 -11.23 14.61 -11.72
C ARG A 198 -12.23 15.30 -10.78
N HIS A 199 -13.34 15.78 -11.31
CA HIS A 199 -14.23 16.63 -10.54
C HIS A 199 -14.90 15.88 -9.38
N TYR A 200 -14.96 14.55 -9.45
CA TYR A 200 -15.68 13.73 -8.44
C TYR A 200 -14.69 12.92 -7.57
N ARG A 201 -13.41 13.25 -7.69
CA ARG A 201 -12.38 12.58 -6.98
C ARG A 201 -12.30 13.02 -5.51
N ALA A 202 -12.26 12.03 -4.62
CA ALA A 202 -12.18 12.30 -3.20
C ALA A 202 -10.78 12.72 -2.80
N PRO A 203 -10.66 13.48 -1.70
CA PRO A 203 -9.33 13.97 -1.27
C PRO A 203 -8.34 12.86 -0.88
N GLU A 204 -8.83 11.75 -0.39
CA GLU A 204 -7.94 10.63 -0.11
C GLU A 204 -7.34 10.06 -1.40
N VAL A 205 -8.08 10.19 -2.49
CA VAL A 205 -7.57 9.77 -3.79
C VAL A 205 -6.55 10.75 -4.36
N ILE A 206 -6.90 12.02 -4.37
CA ILE A 206 -5.97 13.07 -4.84
C ILE A 206 -4.63 13.02 -4.10
N LEU A 207 -4.68 12.75 -2.81
CA LEU A 207 -3.49 12.72 -1.96
C LEU A 207 -2.85 11.34 -1.91
N ALA A 208 -3.50 10.36 -2.51
CA ALA A 208 -2.96 9.02 -2.66
C ALA A 208 -2.75 8.38 -1.32
N LEU A 209 -3.81 8.36 -0.52
CA LEU A 209 -3.75 7.83 0.83
C LEU A 209 -4.39 6.47 0.92
N GLY A 210 -4.95 5.99 -0.20
CA GLY A 210 -5.70 4.76 -0.18
C GLY A 210 -7.16 5.11 -0.13
N TRP A 211 -8.00 4.18 -0.56
CA TRP A 211 -9.39 4.47 -0.68
C TRP A 211 -10.17 3.19 -0.67
N SER A 212 -11.47 3.31 -0.50
CA SER A 212 -12.39 2.19 -0.62
C SER A 212 -13.79 2.81 -0.71
N GLN A 213 -14.80 2.12 -0.17
CA GLN A 213 -16.18 2.56 -0.30
C GLN A 213 -16.39 4.05 -0.08
N PRO A 214 -15.74 4.62 0.97
CA PRO A 214 -16.03 6.05 1.24
C PRO A 214 -15.80 7.00 0.06
N CYS A 215 -14.90 6.69 -0.86
CA CYS A 215 -14.66 7.59 -1.99
C CYS A 215 -15.90 7.76 -2.89
N ASP A 216 -16.74 6.73 -2.97
CA ASP A 216 -18.04 6.83 -3.68
C ASP A 216 -18.96 7.83 -3.03
N VAL A 217 -18.91 7.84 -1.69
CA VAL A 217 -19.76 8.74 -0.92
C VAL A 217 -19.39 10.19 -1.22
N TRP A 218 -18.08 10.47 -1.27
CA TRP A 218 -17.64 11.78 -1.69
C TRP A 218 -18.19 12.11 -3.10
N SER A 219 -18.08 11.15 -4.02
CA SER A 219 -18.60 11.36 -5.35
C SER A 219 -20.10 11.68 -5.32
N ILE A 220 -20.87 10.91 -4.56
CA ILE A 220 -22.29 11.20 -4.49
C ILE A 220 -22.58 12.62 -3.93
N GLY A 221 -21.82 13.02 -2.92
CA GLY A 221 -21.93 14.38 -2.42
C GLY A 221 -21.79 15.42 -3.51
N CYS A 222 -20.79 15.23 -4.36
CA CYS A 222 -20.56 16.15 -5.49
C CYS A 222 -21.70 16.11 -6.47
N ILE A 223 -22.20 14.92 -6.72
CA ILE A 223 -23.31 14.78 -7.66
C ILE A 223 -24.49 15.54 -7.13
N LEU A 224 -24.81 15.34 -5.86
CA LEU A 224 -25.97 16.05 -5.29
C LEU A 224 -25.90 17.57 -5.35
N ILE A 225 -24.73 18.15 -5.08
CA ILE A 225 -24.58 19.61 -5.16
C ILE A 225 -24.74 20.07 -6.59
N GLU A 226 -24.29 19.27 -7.56
CA GLU A 226 -24.48 19.66 -8.96
C GLU A 226 -25.94 19.59 -9.39
N TYR A 227 -26.67 18.60 -8.90
CA TYR A 227 -28.09 18.56 -9.15
C TYR A 227 -28.80 19.80 -8.61
N TYR A 228 -28.37 20.22 -7.43
CA TYR A 228 -28.96 21.41 -6.78
C TYR A 228 -28.60 22.71 -7.48
N LEU A 229 -27.38 22.79 -7.99
CA LEU A 229 -26.91 24.02 -8.65
C LEU A 229 -27.07 24.04 -10.15
N GLY A 230 -26.94 22.89 -10.77
CA GLY A 230 -26.99 22.82 -12.25
C GLY A 230 -25.67 23.08 -12.91
N PHE A 231 -24.61 23.03 -12.13
CA PHE A 231 -23.27 23.12 -12.70
C PHE A 231 -22.32 22.41 -11.81
N THR A 232 -21.13 22.20 -12.34
CA THR A 232 -20.09 21.38 -11.71
C THR A 232 -19.44 22.19 -10.61
N VAL A 233 -19.21 21.56 -9.47
CA VAL A 233 -18.76 22.29 -8.31
C VAL A 233 -17.24 22.46 -8.28
N PHE A 234 -16.54 21.50 -8.88
CA PHE A 234 -15.11 21.58 -8.99
C PHE A 234 -14.67 21.55 -10.45
N PRO A 235 -14.94 22.63 -11.20
CA PRO A 235 -14.61 22.65 -12.63
C PRO A 235 -13.13 22.96 -12.84
N THR A 236 -12.30 21.99 -12.59
CA THR A 236 -10.87 22.22 -12.76
C THR A 236 -10.24 20.93 -13.20
N HIS A 237 -9.11 21.05 -13.87
CA HIS A 237 -8.33 19.90 -14.32
C HIS A 237 -7.08 19.75 -13.46
N ASP A 238 -6.62 20.85 -12.89
CA ASP A 238 -5.47 20.87 -12.03
C ASP A 238 -5.81 20.45 -10.59
N SER A 239 -5.01 19.55 -10.03
CA SER A 239 -5.25 18.99 -8.70
C SER A 239 -5.10 19.99 -7.57
N LYS A 240 -4.19 20.95 -7.73
CA LYS A 240 -3.92 21.88 -6.64
C LYS A 240 -5.07 22.87 -6.53
N GLU A 241 -5.47 23.42 -7.67
CA GLU A 241 -6.67 24.27 -7.76
C GLU A 241 -7.90 23.54 -7.19
N HIS A 242 -8.01 22.26 -7.48
CA HIS A 242 -9.11 21.46 -6.99
C HIS A 242 -9.09 21.51 -5.47
N LEU A 243 -7.91 21.29 -4.90
CA LEU A 243 -7.76 21.32 -3.44
C LEU A 243 -8.04 22.72 -2.91
N ALA A 244 -7.59 23.74 -3.60
CA ALA A 244 -7.94 25.10 -3.20
C ALA A 244 -9.45 25.29 -3.22
N MET A 245 -10.11 24.73 -4.22
CA MET A 245 -11.55 24.88 -4.31
C MET A 245 -12.18 24.23 -3.12
N MET A 246 -11.69 23.05 -2.74
CA MET A 246 -12.25 22.37 -1.58
C MET A 246 -12.12 23.26 -0.31
N GLU A 247 -11.01 23.95 -0.16
CA GLU A 247 -10.78 24.70 1.06
C GLU A 247 -11.73 25.87 1.12
N ARG A 248 -11.93 26.54 0.00
CA ARG A 248 -12.83 27.68 -0.06
C ARG A 248 -14.28 27.30 0.27
N ILE A 249 -14.65 26.07 -0.06
CA ILE A 249 -16.00 25.61 0.10
C ILE A 249 -16.21 24.84 1.42
N LEU A 250 -15.24 24.03 1.80
CA LEU A 250 -15.33 23.17 2.96
C LEU A 250 -14.35 23.51 4.10
N GLY A 251 -13.49 24.53 3.95
CA GLY A 251 -12.46 24.81 4.94
C GLY A 251 -11.21 23.97 4.80
N PRO A 252 -10.23 24.17 5.70
CA PRO A 252 -8.89 23.57 5.56
C PRO A 252 -8.92 22.06 5.64
N LEU A 253 -8.01 21.40 4.92
CA LEU A 253 -7.85 19.96 5.03
C LEU A 253 -7.30 19.62 6.38
N PRO A 254 -7.66 18.44 6.91
CA PRO A 254 -7.14 17.99 8.19
C PRO A 254 -5.62 17.92 8.20
N LYS A 255 -5.03 18.45 9.26
CA LYS A 255 -3.59 18.43 9.45
C LYS A 255 -3.07 17.01 9.22
N HIS A 256 -3.75 16.03 9.80
CA HIS A 256 -3.22 14.65 9.80
C HIS A 256 -3.21 14.00 8.42
N MET A 257 -4.09 14.44 7.53
CA MET A 257 -4.08 13.94 6.14
C MET A 257 -2.95 14.59 5.33
N ILE A 258 -2.70 15.86 5.60
CA ILE A 258 -1.62 16.57 4.93
C ILE A 258 -0.25 15.96 5.27
N GLN A 259 -0.04 15.67 6.56
CA GLN A 259 1.21 15.07 7.02
C GLN A 259 1.48 13.69 6.38
N LYS A 260 0.42 12.98 6.03
CA LYS A 260 0.51 11.61 5.50
C LYS A 260 0.71 11.48 3.98
N THR A 261 0.31 12.49 3.21
CA THR A 261 0.31 12.36 1.75
C THR A 261 1.71 12.19 1.17
N ARG A 262 1.80 11.35 0.14
CA ARG A 262 3.03 11.21 -0.64
C ARG A 262 3.21 12.40 -1.58
N LYS A 263 2.16 13.19 -1.75
CA LYS A 263 2.22 14.32 -2.66
C LYS A 263 2.66 15.63 -1.99
N ARG A 264 3.94 15.67 -1.60
CA ARG A 264 4.53 16.84 -0.92
C ARG A 264 4.43 18.12 -1.77
N LYS A 265 4.40 17.95 -3.09
CA LYS A 265 4.33 19.08 -4.02
C LYS A 265 3.28 20.12 -3.62
N TYR A 266 2.10 19.64 -3.23
CA TYR A 266 0.96 20.52 -3.02
C TYR A 266 1.05 21.42 -1.79
N PHE A 267 2.04 21.20 -0.92
CA PHE A 267 2.01 21.82 0.41
C PHE A 267 3.30 22.48 0.86
N HIS A 268 3.17 23.44 1.78
CA HIS A 268 4.27 23.93 2.55
C HIS A 268 3.87 23.99 4.01
N HIS A 269 4.65 23.35 4.88
CA HIS A 269 4.48 23.47 6.34
C HIS A 269 3.03 23.48 6.74
N ASP A 270 2.33 22.38 6.46
CA ASP A 270 0.98 22.14 7.02
C ASP A 270 -0.18 22.93 6.36
N ARG A 271 0.13 23.79 5.39
CA ARG A 271 -0.88 24.55 4.64
C ARG A 271 -0.73 24.25 3.14
N LEU A 272 -1.81 24.45 2.37
CA LEU A 272 -1.75 24.28 0.92
C LEU A 272 -0.94 25.41 0.38
N ASP A 273 0.02 25.13 -0.50
CA ASP A 273 0.85 26.19 -1.06
C ASP A 273 0.07 26.83 -2.21
N TRP A 274 -0.72 27.83 -1.84
CA TRP A 274 -1.70 28.41 -2.73
C TRP A 274 -1.66 29.89 -2.51
N ASP A 275 -1.35 30.63 -3.56
CA ASP A 275 -1.33 32.08 -3.47
C ASP A 275 -2.70 32.65 -3.82
N GLU A 276 -3.45 33.05 -2.77
CA GLU A 276 -4.79 33.64 -2.93
C GLU A 276 -4.82 34.86 -3.85
N HIS A 277 -3.76 35.67 -3.83
CA HIS A 277 -3.71 36.93 -4.60
C HIS A 277 -3.20 36.72 -6.03
N SER A 278 -2.95 35.48 -6.41
CA SER A 278 -2.63 35.15 -7.79
C SER A 278 -3.88 35.21 -8.66
N SER A 279 -3.71 35.06 -9.96
CA SER A 279 -4.81 35.06 -10.93
C SER A 279 -5.84 33.93 -10.62
N ALA A 280 -5.35 32.70 -10.56
CA ALA A 280 -6.22 31.57 -10.27
C ALA A 280 -6.80 31.68 -8.86
N GLY A 281 -6.01 32.24 -7.94
CA GLY A 281 -6.44 32.38 -6.57
C GLY A 281 -7.66 33.25 -6.46
N ARG A 282 -7.60 34.42 -7.11
CA ARG A 282 -8.69 35.39 -7.04
C ARG A 282 -9.94 34.84 -7.71
N TYR A 283 -9.78 34.06 -8.77
CA TYR A 283 -10.95 33.42 -9.37
C TYR A 283 -11.67 32.53 -8.34
N VAL A 284 -10.89 31.65 -7.68
CA VAL A 284 -11.41 30.72 -6.65
C VAL A 284 -12.11 31.52 -5.54
N SER A 285 -11.50 32.55 -5.00
CA SER A 285 -12.17 33.33 -3.93
C SER A 285 -13.57 33.87 -4.28
N ARG A 286 -13.76 34.28 -5.53
CA ARG A 286 -14.98 34.95 -5.97
C ARG A 286 -16.01 33.97 -6.50
N ALA A 287 -15.56 32.92 -7.17
CA ALA A 287 -16.46 31.90 -7.64
C ALA A 287 -16.91 31.01 -6.47
N CYS A 288 -15.96 30.25 -5.93
CA CYS A 288 -16.21 29.27 -4.87
C CYS A 288 -16.61 29.98 -3.58
N LYS A 289 -17.48 29.36 -2.79
CA LYS A 289 -17.98 29.94 -1.55
C LYS A 289 -18.13 28.88 -0.50
N PRO A 290 -18.19 29.29 0.78
CA PRO A 290 -18.53 28.29 1.77
C PRO A 290 -19.81 27.52 1.37
N LEU A 291 -19.77 26.22 1.54
CA LEU A 291 -20.87 25.34 1.17
C LEU A 291 -22.26 25.95 1.35
N LYS A 292 -22.58 26.37 2.57
CA LYS A 292 -23.95 26.76 2.93
C LYS A 292 -24.41 28.02 2.22
N GLU A 293 -23.48 28.85 1.80
CA GLU A 293 -23.80 30.01 1.01
C GLU A 293 -24.35 29.68 -0.40
N PHE A 294 -24.15 28.44 -0.87
CA PHE A 294 -24.79 28.01 -2.09
C PHE A 294 -26.29 27.77 -1.98
N MET A 295 -26.84 27.79 -0.77
CA MET A 295 -28.23 27.44 -0.59
C MET A 295 -29.10 28.53 -1.19
N LEU A 296 -30.23 28.15 -1.76
CA LEU A 296 -31.11 29.08 -2.43
C LEU A 296 -32.30 29.40 -1.55
N SER A 297 -32.34 28.80 -0.36
CA SER A 297 -33.44 28.97 0.54
C SER A 297 -33.08 28.44 1.92
N GLN A 298 -33.64 29.10 2.93
CA GLN A 298 -33.49 28.69 4.33
C GLN A 298 -34.52 27.64 4.73
N ASP A 299 -35.50 27.38 3.86
CA ASP A 299 -36.48 26.31 4.05
C ASP A 299 -35.81 25.04 4.57
N VAL A 300 -36.49 24.35 5.46
CA VAL A 300 -35.86 23.28 6.17
C VAL A 300 -35.41 22.18 5.25
N GLU A 301 -36.15 21.91 4.18
CA GLU A 301 -35.76 20.83 3.27
C GLU A 301 -34.43 21.11 2.59
N HIS A 302 -34.19 22.37 2.29
CA HIS A 302 -32.93 22.73 1.70
C HIS A 302 -31.84 22.49 2.72
N GLU A 303 -32.08 22.92 3.96
CA GLU A 303 -31.10 22.75 5.03
C GLU A 303 -30.77 21.27 5.22
N ARG A 304 -31.80 20.46 5.18
CA ARG A 304 -31.63 19.05 5.33
C ARG A 304 -30.73 18.49 4.23
N LEU A 305 -30.96 18.89 2.99
CA LEU A 305 -30.12 18.41 1.89
C LEU A 305 -28.69 18.79 2.15
N PHE A 306 -28.49 20.04 2.53
CA PHE A 306 -27.13 20.52 2.67
C PHE A 306 -26.40 19.92 3.86
N ASP A 307 -27.14 19.42 4.82
CA ASP A 307 -26.52 18.75 5.95
C ASP A 307 -26.00 17.40 5.50
N LEU A 308 -26.80 16.72 4.70
CA LEU A 308 -26.39 15.44 4.13
C LEU A 308 -25.16 15.58 3.24
N ILE A 309 -25.19 16.57 2.35
CA ILE A 309 -24.05 16.81 1.46
C ILE A 309 -22.79 17.10 2.27
N GLN A 310 -22.93 17.94 3.29
CA GLN A 310 -21.79 18.26 4.14
C GLN A 310 -21.14 17.03 4.74
N LYS A 311 -21.96 16.07 5.13
CA LYS A 311 -21.46 14.84 5.74
C LYS A 311 -20.87 13.85 4.73
N MET A 312 -21.34 13.94 3.49
CA MET A 312 -20.75 13.17 2.41
C MET A 312 -19.40 13.79 1.99
N LEU A 313 -19.24 15.09 2.19
CA LEU A 313 -18.05 15.77 1.85
C LEU A 313 -17.16 16.00 3.07
N GLU A 314 -17.25 15.11 4.06
CA GLU A 314 -16.28 15.04 5.14
C GLU A 314 -14.92 14.60 4.56
N TYR A 315 -13.88 15.39 4.81
CA TYR A 315 -12.56 15.13 4.26
C TYR A 315 -12.05 13.76 4.65
N ASP A 316 -12.12 13.46 5.95
CA ASP A 316 -11.53 12.24 6.50
C ASP A 316 -12.44 11.05 6.17
N PRO A 317 -11.94 10.12 5.33
CA PRO A 317 -12.84 9.04 4.90
C PRO A 317 -13.33 8.19 6.07
N ALA A 318 -12.51 8.06 7.10
CA ALA A 318 -12.89 7.28 8.26
C ALA A 318 -14.09 7.90 8.99
N LYS A 319 -14.26 9.22 8.87
CA LYS A 319 -15.38 9.94 9.52
C LYS A 319 -16.60 10.19 8.62
N ARG A 320 -16.40 10.06 7.32
CA ARG A 320 -17.43 10.36 6.33
C ARG A 320 -18.63 9.47 6.58
N ILE A 321 -19.81 10.01 6.40
CA ILE A 321 -21.00 9.22 6.54
C ILE A 321 -20.98 8.05 5.55
N THR A 322 -21.54 6.93 5.96
CA THR A 322 -21.74 5.80 5.06
C THR A 322 -23.10 5.92 4.41
N LEU A 323 -23.27 5.23 3.30
CA LEU A 323 -24.57 5.19 2.64
C LEU A 323 -25.66 4.55 3.50
N ARG A 324 -25.30 3.58 4.33
CA ARG A 324 -26.27 2.96 5.27
C ARG A 324 -26.88 4.00 6.22
N GLU A 325 -26.03 4.84 6.79
CA GLU A 325 -26.46 5.97 7.59
C GLU A 325 -27.16 7.01 6.72
N ALA A 326 -26.62 7.27 5.54
CA ALA A 326 -27.19 8.26 4.64
C ALA A 326 -28.66 7.99 4.31
N LEU A 327 -29.02 6.73 4.09
CA LEU A 327 -30.42 6.36 3.79
C LEU A 327 -31.41 6.65 4.94
N LYS A 328 -30.90 6.88 6.17
CA LYS A 328 -31.74 7.18 7.34
C LYS A 328 -31.78 8.66 7.58
N HIS A 329 -31.14 9.46 6.72
CA HIS A 329 -31.01 10.88 6.98
C HIS A 329 -32.37 11.56 6.80
N PRO A 330 -32.65 12.60 7.61
CA PRO A 330 -33.95 13.30 7.59
C PRO A 330 -34.41 13.89 6.26
N PHE A 331 -33.46 14.17 5.37
CA PHE A 331 -33.78 14.62 4.01
C PHE A 331 -34.70 13.62 3.33
N PHE A 332 -34.58 12.34 3.68
CA PHE A 332 -35.32 11.31 2.96
C PHE A 332 -36.65 10.99 3.61
N ASP A 333 -36.91 11.55 4.78
CA ASP A 333 -38.14 11.25 5.48
C ASP A 333 -39.39 11.49 4.62
N LEU A 334 -39.39 12.52 3.78
CA LEU A 334 -40.59 12.82 2.97
C LEU A 334 -40.96 11.68 2.04
N LEU A 335 -40.02 10.77 1.76
CA LEU A 335 -40.28 9.60 0.91
C LEU A 335 -40.87 8.42 1.63
N LYS A 336 -41.15 8.54 2.92
CA LYS A 336 -41.62 7.37 3.68
C LYS A 336 -42.93 7.63 4.32
N LYS A 337 -43.70 6.56 4.54
CA LYS A 337 -44.96 6.65 5.26
C LYS A 337 -44.67 7.10 6.68
N SER A 338 -44.96 8.39 6.95
CA SER A 338 -44.72 9.12 8.24
C SER A 338 -43.49 10.06 8.15
N SER B 1 -8.17 -11.69 45.67
CA SER B 1 -8.16 -10.19 45.74
C SER B 1 -8.50 -9.53 44.36
N MET B 2 -8.28 -10.25 43.26
CA MET B 2 -8.66 -9.74 41.93
C MET B 2 -10.17 -9.86 41.64
N HIS B 3 -10.78 -10.94 42.11
CA HIS B 3 -12.24 -11.07 42.02
C HIS B 3 -12.99 -9.89 42.69
N LEU B 4 -12.38 -9.24 43.68
CA LEU B 4 -13.02 -8.12 44.37
C LEU B 4 -13.20 -6.91 43.47
N ILE B 5 -12.51 -6.84 42.34
CA ILE B 5 -12.50 -5.60 41.55
C ILE B 5 -12.73 -5.77 40.05
N CYS B 6 -13.18 -6.96 39.65
CA CYS B 6 -13.32 -7.28 38.24
C CYS B 6 -14.72 -7.73 37.86
N GLN B 7 -15.72 -7.44 38.70
CA GLN B 7 -17.10 -7.94 38.50
C GLN B 7 -17.98 -7.05 37.65
N SER B 8 -18.98 -7.64 37.01
CA SER B 8 -19.93 -6.92 36.16
C SER B 8 -20.57 -5.77 36.92
N GLY B 9 -20.55 -4.58 36.35
CA GLY B 9 -21.09 -3.39 36.98
C GLY B 9 -20.04 -2.49 37.62
N ASP B 10 -18.89 -3.07 37.97
CA ASP B 10 -17.79 -2.29 38.56
C ASP B 10 -17.33 -1.23 37.57
N VAL B 11 -16.90 -0.10 38.10
CA VAL B 11 -16.39 0.99 37.29
C VAL B 11 -14.92 1.17 37.62
N LEU B 12 -14.07 1.19 36.59
CA LEU B 12 -12.67 1.37 36.80
C LEU B 12 -12.29 2.77 36.39
N SER B 13 -11.52 3.43 37.27
CA SER B 13 -10.95 4.73 36.96
C SER B 13 -12.05 5.73 36.61
N ALA B 14 -13.18 5.63 37.31
CA ALA B 14 -14.33 6.53 37.09
C ALA B 14 -14.78 6.65 35.62
N ARG B 15 -14.62 5.60 34.84
CA ARG B 15 -14.76 5.70 33.40
C ARG B 15 -15.33 4.45 32.75
N TYR B 16 -14.69 3.31 33.03
CA TYR B 16 -14.96 2.05 32.32
C TYR B 16 -15.84 1.10 33.13
N GLU B 17 -17.02 0.78 32.60
CA GLU B 17 -17.94 -0.10 33.30
C GLU B 17 -17.82 -1.53 32.80
N ILE B 18 -17.51 -2.44 33.71
CA ILE B 18 -17.30 -3.83 33.35
C ILE B 18 -18.62 -4.47 32.94
N VAL B 19 -18.62 -5.05 31.74
CA VAL B 19 -19.76 -5.79 31.19
C VAL B 19 -19.62 -7.26 31.51
N ASP B 20 -18.48 -7.85 31.14
CA ASP B 20 -18.29 -9.29 31.25
C ASP B 20 -16.83 -9.66 31.02
N THR B 21 -16.47 -10.90 31.35
CA THR B 21 -15.11 -11.39 31.19
C THR B 21 -14.87 -11.93 29.79
N LEU B 22 -13.73 -11.57 29.21
CA LEU B 22 -13.36 -12.02 27.87
C LEU B 22 -12.45 -13.20 27.97
N GLY B 23 -11.45 -13.13 28.86
CA GLY B 23 -10.58 -14.26 29.11
C GLY B 23 -9.88 -14.16 30.43
N GLU B 24 -9.38 -15.30 30.88
CA GLU B 24 -8.65 -15.39 32.11
C GLU B 24 -7.37 -16.13 31.87
N GLY B 25 -6.37 -15.84 32.68
CA GLY B 25 -5.10 -16.53 32.62
C GLY B 25 -4.49 -16.48 34.01
N ALA B 26 -3.24 -16.90 34.13
CA ALA B 26 -2.54 -16.73 35.39
C ALA B 26 -2.04 -15.29 35.53
N PHE B 27 -1.95 -14.57 34.40
CA PHE B 27 -1.60 -13.13 34.41
C PHE B 27 -2.68 -12.26 35.04
N GLY B 28 -3.94 -12.67 34.94
CA GLY B 28 -5.07 -11.88 35.41
C GLY B 28 -6.22 -12.16 34.48
N LYS B 29 -6.97 -11.13 34.12
CA LYS B 29 -8.04 -11.30 33.16
C LYS B 29 -8.24 -10.12 32.23
N VAL B 30 -9.05 -10.35 31.23
CA VAL B 30 -9.42 -9.32 30.33
C VAL B 30 -10.91 -9.22 30.36
N VAL B 31 -11.42 -8.01 30.57
CA VAL B 31 -12.86 -7.80 30.66
C VAL B 31 -13.30 -6.81 29.58
N GLU B 32 -14.49 -7.03 29.04
CA GLU B 32 -15.10 -6.07 28.19
C GLU B 32 -15.68 -4.98 29.04
N CYS B 33 -15.49 -3.73 28.63
CA CYS B 33 -16.07 -2.58 29.34
C CYS B 33 -16.72 -1.60 28.40
N ILE B 34 -17.67 -0.87 28.95
CA ILE B 34 -18.24 0.31 28.32
C ILE B 34 -17.48 1.54 28.76
N ASP B 35 -16.90 2.27 27.81
CA ASP B 35 -16.19 3.50 28.09
C ASP B 35 -17.14 4.68 28.09
N HIS B 36 -17.55 5.11 29.28
CA HIS B 36 -18.54 6.20 29.39
C HIS B 36 -18.03 7.57 29.03
N LYS B 37 -16.71 7.75 29.01
CA LYS B 37 -16.15 9.03 28.58
C LYS B 37 -15.85 9.08 27.08
N ALA B 38 -16.09 7.97 26.37
CA ALA B 38 -15.95 7.95 24.91
C ALA B 38 -17.24 7.51 24.23
N GLY B 39 -18.37 7.95 24.75
CA GLY B 39 -19.65 7.78 24.06
C GLY B 39 -20.28 6.40 24.15
N GLY B 40 -19.76 5.54 25.03
CA GLY B 40 -20.30 4.20 25.20
C GLY B 40 -19.55 3.15 24.42
N ARG B 41 -18.47 3.54 23.75
CA ARG B 41 -17.62 2.59 23.03
C ARG B 41 -17.21 1.46 23.94
N HIS B 42 -17.28 0.23 23.44
CA HIS B 42 -16.79 -0.90 24.17
C HIS B 42 -15.32 -1.07 23.94
N VAL B 43 -14.61 -1.43 25.00
CA VAL B 43 -13.18 -1.63 24.96
C VAL B 43 -12.85 -2.86 25.76
N ALA B 44 -11.59 -3.25 25.73
CA ALA B 44 -11.12 -4.40 26.47
C ALA B 44 -10.12 -3.88 27.47
N VAL B 45 -10.25 -4.33 28.70
CA VAL B 45 -9.32 -3.93 29.71
C VAL B 45 -8.65 -5.18 30.28
N LYS B 46 -7.32 -5.19 30.27
CA LYS B 46 -6.52 -6.22 30.90
C LYS B 46 -6.18 -5.84 32.31
N ILE B 47 -6.67 -6.60 33.29
CA ILE B 47 -6.39 -6.32 34.69
C ILE B 47 -5.37 -7.35 35.13
N VAL B 48 -4.22 -6.89 35.58
CA VAL B 48 -3.09 -7.76 35.83
C VAL B 48 -2.97 -8.11 37.29
N LYS B 49 -2.74 -9.39 37.59
CA LYS B 49 -2.60 -9.84 38.98
C LYS B 49 -1.53 -9.05 39.66
N ASN B 50 -1.73 -8.77 40.93
CA ASN B 50 -0.79 -7.99 41.67
C ASN B 50 0.33 -8.88 42.18
N VAL B 51 1.21 -9.26 41.27
CA VAL B 51 2.28 -10.20 41.52
C VAL B 51 3.47 -9.79 40.64
N ASP B 52 4.65 -9.65 41.25
CA ASP B 52 5.82 -9.07 40.57
C ASP B 52 6.08 -9.64 39.16
N ARG B 53 6.11 -10.96 39.05
CA ARG B 53 6.27 -11.59 37.75
C ARG B 53 5.37 -10.90 36.70
N TYR B 54 4.07 -10.87 36.96
CA TYR B 54 3.09 -10.37 35.95
C TYR B 54 3.04 -8.86 35.90
N CYS B 55 3.36 -8.23 37.02
CA CYS B 55 3.43 -6.79 37.04
C CYS B 55 4.53 -6.26 36.13
N GLU B 56 5.72 -6.86 36.21
CA GLU B 56 6.84 -6.43 35.40
C GLU B 56 6.54 -6.67 33.93
N ALA B 57 5.95 -7.83 33.62
CA ALA B 57 5.52 -8.13 32.29
C ALA B 57 4.59 -7.07 31.70
N ALA B 58 3.71 -6.51 32.53
CA ALA B 58 2.73 -5.51 32.10
C ALA B 58 3.40 -4.16 31.84
N ARG B 59 4.34 -3.79 32.71
CA ARG B 59 5.07 -2.54 32.54
C ARG B 59 5.88 -2.65 31.26
N SER B 60 6.45 -3.83 31.05
CA SER B 60 7.18 -4.11 29.86
C SER B 60 6.31 -4.02 28.59
N GLU B 61 5.14 -4.61 28.64
CA GLU B 61 4.20 -4.59 27.52
C GLU B 61 3.79 -3.16 27.20
N ILE B 62 3.59 -2.36 28.23
CA ILE B 62 3.25 -0.96 28.03
C ILE B 62 4.37 -0.25 27.26
N GLN B 63 5.62 -0.47 27.68
CA GLN B 63 6.76 0.11 26.98
C GLN B 63 6.67 -0.28 25.51
N VAL B 64 6.57 -1.58 25.27
CA VAL B 64 6.58 -2.09 23.92
C VAL B 64 5.39 -1.54 23.08
N LEU B 65 4.20 -1.44 23.65
CA LEU B 65 3.05 -0.96 22.86
C LEU B 65 3.05 0.53 22.62
N GLU B 66 3.75 1.27 23.47
CA GLU B 66 3.87 2.70 23.28
C GLU B 66 4.75 2.94 22.04
N HIS B 67 5.80 2.14 21.93
CA HIS B 67 6.65 2.12 20.76
C HIS B 67 5.85 1.73 19.51
N LEU B 68 5.19 0.59 19.54
CA LEU B 68 4.56 0.07 18.34
C LEU B 68 3.36 0.93 17.88
N ASN B 69 2.52 1.34 18.80
CA ASN B 69 1.34 2.14 18.45
C ASN B 69 1.71 3.53 17.92
N THR B 70 2.93 3.98 18.25
CA THR B 70 3.47 5.21 17.73
C THR B 70 4.03 5.02 16.33
N THR B 71 4.90 4.03 16.18
CA THR B 71 5.41 3.65 14.88
C THR B 71 4.27 3.37 13.90
N ASP B 72 3.21 2.73 14.38
CA ASP B 72 2.16 2.25 13.48
C ASP B 72 0.75 2.62 14.01
N PRO B 73 0.43 3.94 14.00
CA PRO B 73 -0.81 4.44 14.60
C PRO B 73 -2.09 3.91 13.93
N ASN B 74 -2.02 3.64 12.63
CA ASN B 74 -3.16 3.05 11.92
C ASN B 74 -3.22 1.53 12.02
N SER B 75 -2.20 0.93 12.62
CA SER B 75 -2.16 -0.53 12.78
C SER B 75 -2.16 -1.26 11.44
N THR B 76 -1.43 -0.69 10.48
CA THR B 76 -1.18 -1.33 9.22
C THR B 76 -0.64 -2.72 9.45
N PHE B 77 0.24 -2.87 10.45
CA PHE B 77 0.86 -4.14 10.76
C PHE B 77 0.18 -4.98 11.86
N ARG B 78 -1.03 -4.57 12.25
CA ARG B 78 -1.97 -5.47 12.97
C ARG B 78 -1.55 -5.91 14.38
N CYS B 79 -0.79 -5.08 15.07
CA CYS B 79 -0.67 -5.22 16.51
C CYS B 79 -1.85 -4.48 17.13
N VAL B 80 -2.41 -5.06 18.17
CA VAL B 80 -3.51 -4.46 18.92
C VAL B 80 -3.15 -3.08 19.47
N GLN B 81 -4.08 -2.13 19.35
CA GLN B 81 -3.87 -0.76 19.84
C GLN B 81 -4.17 -0.68 21.34
N MET B 82 -3.19 -0.22 22.09
CA MET B 82 -3.40 0.16 23.45
C MET B 82 -3.92 1.59 23.49
N LEU B 83 -5.09 1.80 24.06
CA LEU B 83 -5.68 3.12 24.19
C LEU B 83 -5.23 3.90 25.45
N GLU B 84 -4.92 3.20 26.53
CA GLU B 84 -4.58 3.85 27.81
C GLU B 84 -4.13 2.77 28.79
N TRP B 85 -3.46 3.20 29.84
CA TRP B 85 -3.24 2.33 30.98
C TRP B 85 -3.45 3.14 32.27
N PHE B 86 -3.72 2.45 33.37
CA PHE B 86 -3.94 3.12 34.67
C PHE B 86 -3.83 2.14 35.82
N GLU B 87 -3.82 2.69 37.03
CA GLU B 87 -3.77 1.90 38.26
C GLU B 87 -5.18 1.90 38.86
N HIS B 88 -5.60 0.74 39.35
CA HIS B 88 -6.90 0.63 39.99
C HIS B 88 -6.79 -0.29 41.18
N HIS B 89 -6.95 0.26 42.37
CA HIS B 89 -6.79 -0.51 43.58
C HIS B 89 -5.54 -1.43 43.50
N GLY B 90 -4.39 -0.86 43.13
CA GLY B 90 -3.10 -1.57 43.19
C GLY B 90 -2.89 -2.51 42.01
N HIS B 91 -3.77 -2.43 41.02
CA HIS B 91 -3.66 -3.31 39.92
C HIS B 91 -3.43 -2.49 38.69
N ILE B 92 -2.50 -2.93 37.87
CA ILE B 92 -2.27 -2.31 36.59
C ILE B 92 -3.34 -2.76 35.61
N CYS B 93 -3.96 -1.79 34.94
CA CYS B 93 -4.97 -2.07 33.96
C CYS B 93 -4.54 -1.44 32.66
N ILE B 94 -4.67 -2.17 31.57
CA ILE B 94 -4.28 -1.69 30.26
C ILE B 94 -5.47 -1.78 29.32
N VAL B 95 -5.78 -0.68 28.64
CA VAL B 95 -7.00 -0.58 27.85
C VAL B 95 -6.65 -0.79 26.41
N PHE B 96 -7.42 -1.66 25.75
CA PHE B 96 -7.18 -2.00 24.37
C PHE B 96 -8.46 -1.83 23.58
N GLU B 97 -8.30 -1.61 22.28
CA GLU B 97 -9.41 -1.70 21.35
C GLU B 97 -10.05 -3.08 21.55
N LEU B 98 -11.38 -3.15 21.43
CA LEU B 98 -12.10 -4.40 21.62
C LEU B 98 -12.07 -5.24 20.36
N LEU B 99 -11.60 -6.48 20.47
CA LEU B 99 -11.51 -7.38 19.34
C LEU B 99 -12.48 -8.54 19.54
N GLY B 100 -12.49 -9.47 18.59
CA GLY B 100 -13.33 -10.67 18.70
C GLY B 100 -12.64 -11.79 19.44
N LEU B 101 -13.14 -13.01 19.20
CA LEU B 101 -12.56 -14.23 19.77
C LEU B 101 -11.15 -14.45 19.33
N SER B 102 -10.34 -15.06 20.19
CA SER B 102 -9.07 -15.56 19.78
C SER B 102 -9.27 -16.73 18.79
N THR B 103 -8.26 -16.98 17.98
CA THR B 103 -8.36 -18.06 17.01
C THR B 103 -8.48 -19.37 17.79
N TYR B 104 -7.89 -19.43 18.99
CA TYR B 104 -8.09 -20.60 19.84
C TYR B 104 -9.57 -20.81 20.28
N ASP B 105 -10.22 -19.75 20.75
CA ASP B 105 -11.58 -19.94 21.22
C ASP B 105 -12.45 -20.36 20.06
N PHE B 106 -12.21 -19.81 18.89
CA PHE B 106 -13.09 -20.06 17.76
C PHE B 106 -12.98 -21.52 17.38
N ILE B 107 -11.76 -22.04 17.29
CA ILE B 107 -11.56 -23.46 17.09
C ILE B 107 -12.22 -24.30 18.18
N LYS B 108 -12.02 -23.92 19.46
CA LYS B 108 -12.59 -24.63 20.60
C LYS B 108 -14.11 -24.69 20.51
N GLU B 109 -14.72 -23.53 20.26
CA GLU B 109 -16.20 -23.43 20.28
C GLU B 109 -16.83 -24.01 19.04
N ASN B 110 -16.00 -24.32 18.05
CA ASN B 110 -16.43 -24.96 16.83
C ASN B 110 -16.14 -26.47 16.87
N GLY B 111 -15.90 -27.01 18.07
CA GLY B 111 -15.70 -28.43 18.23
C GLY B 111 -14.34 -28.91 17.80
N PHE B 112 -13.33 -28.06 17.91
CA PHE B 112 -11.98 -28.40 17.51
C PHE B 112 -11.95 -28.88 16.07
N LEU B 113 -12.42 -28.04 15.17
CA LEU B 113 -12.32 -28.28 13.73
C LEU B 113 -11.41 -27.24 13.11
N PRO B 114 -10.78 -27.58 12.00
CA PRO B 114 -9.91 -26.64 11.34
C PRO B 114 -10.64 -25.49 10.66
N PHE B 115 -9.89 -24.44 10.38
CA PHE B 115 -10.33 -23.41 9.44
C PHE B 115 -10.22 -23.84 7.98
N ARG B 116 -11.08 -23.28 7.14
CA ARG B 116 -10.95 -23.45 5.67
C ARG B 116 -9.63 -22.87 5.16
N LEU B 117 -9.08 -23.48 4.11
CA LEU B 117 -7.75 -23.14 3.60
C LEU B 117 -7.62 -21.68 3.15
N ASP B 118 -8.62 -21.17 2.46
CA ASP B 118 -8.59 -19.76 2.04
C ASP B 118 -8.57 -18.81 3.24
N HIS B 119 -9.20 -19.15 4.35
CA HIS B 119 -9.02 -18.35 5.57
C HIS B 119 -7.63 -18.49 6.18
N ILE B 120 -7.13 -19.71 6.25
CA ILE B 120 -5.81 -19.91 6.74
C ILE B 120 -4.84 -19.03 5.97
N ARG B 121 -5.02 -18.95 4.65
CA ARG B 121 -4.10 -18.18 3.81
C ARG B 121 -4.07 -16.69 4.20
N LYS B 122 -5.24 -16.07 4.32
CA LYS B 122 -5.32 -14.66 4.73
C LYS B 122 -4.74 -14.48 6.13
N MET B 123 -5.12 -15.36 7.06
CA MET B 123 -4.69 -15.26 8.42
C MET B 123 -3.18 -15.44 8.51
N ALA B 124 -2.67 -16.42 7.79
CA ALA B 124 -1.24 -16.69 7.83
C ALA B 124 -0.45 -15.50 7.29
N TYR B 125 -1.00 -14.84 6.28
CA TYR B 125 -0.32 -13.70 5.69
C TYR B 125 -0.29 -12.57 6.69
N GLN B 126 -1.44 -12.25 7.27
CA GLN B 126 -1.47 -11.24 8.31
C GLN B 126 -0.59 -11.54 9.52
N ILE B 127 -0.56 -12.78 9.98
CA ILE B 127 0.31 -13.08 11.12
C ILE B 127 1.77 -12.81 10.74
N CYS B 128 2.20 -13.31 9.57
CA CYS B 128 3.57 -13.16 9.13
C CYS B 128 3.96 -11.70 8.91
N LYS B 129 3.05 -10.91 8.35
CA LYS B 129 3.27 -9.50 8.17
C LYS B 129 3.43 -8.77 9.52
N SER B 130 2.56 -9.09 10.45
CA SER B 130 2.60 -8.47 11.76
C SER B 130 3.88 -8.80 12.52
N VAL B 131 4.18 -10.08 12.66
CA VAL B 131 5.37 -10.46 13.42
C VAL B 131 6.64 -9.98 12.70
N ASN B 132 6.58 -9.90 11.37
CA ASN B 132 7.74 -9.43 10.62
C ASN B 132 7.99 -7.99 10.88
N PHE B 133 6.92 -7.23 11.04
CA PHE B 133 7.04 -5.87 11.53
C PHE B 133 7.72 -5.78 12.91
N LEU B 134 7.35 -6.66 13.84
CA LEU B 134 8.07 -6.74 15.12
C LEU B 134 9.52 -6.98 14.88
N HIS B 135 9.82 -7.96 14.03
CA HIS B 135 11.22 -8.30 13.73
C HIS B 135 11.98 -7.13 13.12
N SER B 136 11.30 -6.32 12.30
CA SER B 136 11.89 -5.05 11.80
C SER B 136 12.27 -4.10 12.89
N ASN B 137 11.54 -4.12 14.01
CA ASN B 137 11.84 -3.24 15.15
C ASN B 137 12.67 -3.92 16.21
N LYS B 138 13.44 -4.92 15.81
CA LYS B 138 14.39 -5.58 16.71
C LYS B 138 13.70 -6.22 17.92
N LEU B 139 12.50 -6.76 17.70
CA LEU B 139 11.72 -7.45 18.72
C LEU B 139 11.45 -8.89 18.32
N THR B 140 11.51 -9.78 19.32
CA THR B 140 10.97 -11.12 19.24
C THR B 140 9.77 -11.18 20.18
N HIS B 141 8.67 -11.73 19.71
CA HIS B 141 7.43 -11.83 20.51
C HIS B 141 7.57 -12.87 21.63
N THR B 142 7.98 -14.07 21.23
CA THR B 142 8.35 -15.22 22.10
C THR B 142 7.16 -16.04 22.63
N ASP B 143 5.95 -15.52 22.52
CA ASP B 143 4.81 -16.24 22.99
C ASP B 143 3.70 -16.27 21.95
N LEU B 144 4.04 -16.49 20.68
CA LEU B 144 3.00 -16.61 19.69
C LEU B 144 2.31 -17.97 19.80
N LYS B 145 0.99 -17.92 19.72
CA LYS B 145 0.17 -19.10 19.81
C LYS B 145 -1.27 -18.69 19.44
N PRO B 146 -2.14 -19.65 19.19
CA PRO B 146 -3.47 -19.24 18.75
C PRO B 146 -4.30 -18.42 19.76
N GLU B 147 -4.05 -18.56 21.08
CA GLU B 147 -4.70 -17.64 22.07
C GLU B 147 -4.31 -16.17 21.85
N ASN B 148 -3.12 -15.92 21.28
CA ASN B 148 -2.63 -14.56 21.12
C ASN B 148 -2.82 -14.01 19.74
N ILE B 149 -3.61 -14.70 18.94
CA ILE B 149 -4.05 -14.16 17.67
C ILE B 149 -5.54 -14.02 17.77
N LEU B 150 -6.08 -12.86 17.43
CA LEU B 150 -7.48 -12.60 17.63
C LEU B 150 -8.12 -12.09 16.35
N PHE B 151 -9.33 -12.55 16.10
CA PHE B 151 -10.13 -11.96 15.08
C PHE B 151 -10.51 -10.54 15.45
N VAL B 152 -10.44 -9.65 14.48
CA VAL B 152 -10.89 -8.29 14.61
C VAL B 152 -12.37 -8.25 14.84
N GLN B 153 -13.12 -9.04 14.10
CA GLN B 153 -14.50 -9.30 14.44
C GLN B 153 -14.78 -10.76 14.17
N SER B 154 -15.50 -11.40 15.09
CA SER B 154 -15.74 -12.86 15.02
C SER B 154 -17.19 -13.20 14.62
N ASP B 155 -17.96 -12.19 14.19
CA ASP B 155 -19.22 -12.42 13.45
C ASP B 155 -19.11 -13.63 12.52
N TYR B 156 -20.20 -14.42 12.44
CA TYR B 156 -20.22 -15.65 11.65
C TYR B 156 -21.59 -15.90 11.05
N THR B 157 -21.62 -16.56 9.90
CA THR B 157 -22.85 -17.07 9.34
C THR B 157 -22.91 -18.58 9.59
N GLU B 158 -24.12 -19.14 9.50
CA GLU B 158 -24.33 -20.55 9.73
C GLU B 158 -24.87 -21.25 8.49
N ALA B 159 -24.40 -22.47 8.27
CA ALA B 159 -24.87 -23.30 7.16
C ALA B 159 -24.70 -24.76 7.55
N TYR B 160 -25.63 -25.60 7.09
CA TYR B 160 -25.55 -27.03 7.36
C TYR B 160 -24.54 -27.68 6.41
N ASN B 161 -23.28 -27.73 6.82
CA ASN B 161 -22.24 -28.37 6.02
C ASN B 161 -22.25 -29.89 6.23
N PRO B 162 -22.79 -30.65 5.25
CA PRO B 162 -22.99 -32.09 5.46
C PRO B 162 -21.70 -32.94 5.33
N LYS B 163 -20.55 -32.31 5.15
CA LYS B 163 -19.25 -33.01 5.25
C LYS B 163 -18.98 -33.53 6.67
N ILE B 164 -19.61 -32.88 7.66
CA ILE B 164 -19.58 -33.35 9.06
C ILE B 164 -20.97 -33.75 9.60
N LYS B 165 -22.04 -33.37 8.90
CA LYS B 165 -23.42 -33.74 9.27
C LYS B 165 -23.96 -32.84 10.38
N ARG B 166 -23.46 -31.62 10.47
CA ARG B 166 -23.67 -30.74 11.62
C ARG B 166 -23.72 -29.26 11.19
N ASP B 167 -24.61 -28.47 11.81
CA ASP B 167 -24.63 -27.01 11.61
C ASP B 167 -23.22 -26.45 11.79
N GLU B 168 -22.88 -25.40 11.06
CA GLU B 168 -21.48 -24.91 11.03
C GLU B 168 -21.34 -23.39 11.19
N ARG B 169 -20.32 -22.98 11.95
CA ARG B 169 -20.02 -21.57 12.12
C ARG B 169 -18.93 -21.21 11.12
N THR B 170 -19.17 -20.16 10.32
CA THR B 170 -18.22 -19.72 9.30
C THR B 170 -17.93 -18.25 9.45
N LEU B 171 -16.64 -17.92 9.56
CA LEU B 171 -16.19 -16.55 9.67
C LEU B 171 -16.66 -15.72 8.50
N ILE B 172 -17.26 -14.57 8.80
CA ILE B 172 -17.46 -13.56 7.78
C ILE B 172 -16.09 -13.00 7.42
N ASN B 173 -15.46 -12.34 8.38
CA ASN B 173 -14.21 -11.64 8.15
C ASN B 173 -13.07 -12.27 8.95
N PRO B 174 -12.04 -12.76 8.25
CA PRO B 174 -10.97 -13.46 8.93
C PRO B 174 -9.79 -12.58 9.34
N ASP B 175 -9.92 -11.27 9.26
CA ASP B 175 -8.83 -10.39 9.71
C ASP B 175 -8.49 -10.62 11.19
N ILE B 176 -7.20 -10.59 11.48
CA ILE B 176 -6.70 -10.79 12.83
C ILE B 176 -5.79 -9.68 13.30
N LYS B 177 -5.56 -9.65 14.62
CA LYS B 177 -4.47 -8.89 15.18
C LYS B 177 -3.70 -9.78 16.12
N VAL B 178 -2.45 -9.39 16.37
CA VAL B 178 -1.61 -10.07 17.36
C VAL B 178 -1.70 -9.32 18.67
N VAL B 179 -1.77 -10.06 19.78
CA VAL B 179 -1.81 -9.46 21.13
C VAL B 179 -0.73 -10.05 22.01
N ASP B 180 -0.64 -9.48 23.20
CA ASP B 180 0.18 -9.95 24.32
C ASP B 180 1.65 -9.77 24.10
N PHE B 181 2.13 -8.61 24.48
CA PHE B 181 3.51 -8.24 24.25
C PHE B 181 4.33 -8.21 25.53
N GLY B 182 3.85 -8.87 26.56
CA GLY B 182 4.50 -8.86 27.83
C GLY B 182 5.73 -9.73 27.98
N SER B 183 6.00 -10.57 26.97
CA SER B 183 7.24 -11.35 26.94
C SER B 183 8.15 -10.86 25.85
N ALA B 184 7.71 -9.85 25.11
CA ALA B 184 8.42 -9.43 23.92
C ALA B 184 9.78 -8.87 24.35
N THR B 185 10.82 -9.23 23.59
CA THR B 185 12.19 -8.93 23.95
C THR B 185 12.92 -8.25 22.79
N TYR B 186 13.62 -7.17 23.11
CA TYR B 186 14.45 -6.48 22.12
C TYR B 186 15.76 -7.26 21.93
N ASP B 187 16.33 -7.15 20.72
CA ASP B 187 17.61 -7.80 20.41
C ASP B 187 18.69 -7.55 21.49
N ASP B 188 18.69 -6.34 22.06
CA ASP B 188 19.70 -5.93 23.05
C ASP B 188 19.41 -6.36 24.47
N GLU B 189 18.13 -6.58 24.79
CA GLU B 189 17.75 -7.01 26.13
C GLU B 189 18.40 -8.35 26.47
N HIS B 190 18.42 -8.65 27.75
CA HIS B 190 18.70 -9.99 28.21
C HIS B 190 17.65 -10.96 27.71
N HIS B 191 18.10 -12.11 27.22
CA HIS B 191 17.22 -13.20 26.76
C HIS B 191 17.17 -14.28 27.86
N SER B 192 16.04 -14.40 28.56
CA SER B 192 15.86 -15.49 29.56
C SER B 192 15.98 -16.90 28.91
N THR B 193 16.38 -17.88 29.70
CA THR B 193 16.60 -19.23 29.19
C THR B 193 15.32 -20.02 28.81
N LEU B 194 14.24 -19.88 29.59
CA LEU B 194 12.93 -20.46 29.21
C LEU B 194 11.98 -19.40 28.68
N VAL B 195 11.64 -19.48 27.38
CA VAL B 195 10.52 -18.69 26.78
C VAL B 195 9.45 -19.55 26.08
N SER B 196 8.32 -18.93 25.74
CA SER B 196 7.24 -19.55 24.98
C SER B 196 6.44 -20.57 25.80
N THR B 197 5.16 -20.72 25.44
CA THR B 197 4.31 -21.79 25.94
C THR B 197 4.76 -23.12 25.35
N ARG B 198 4.84 -24.15 26.19
CA ARG B 198 5.46 -25.45 25.84
C ARG B 198 5.20 -25.91 24.38
N HIS B 199 3.95 -25.93 23.96
CA HIS B 199 3.62 -26.54 22.66
C HIS B 199 4.23 -25.75 21.47
N TYR B 200 4.57 -24.47 21.68
CA TYR B 200 5.01 -23.58 20.59
C TYR B 200 6.50 -23.19 20.76
N ARG B 201 7.15 -23.88 21.69
CA ARG B 201 8.54 -23.70 21.96
C ARG B 201 9.47 -24.31 20.89
N ALA B 202 10.41 -23.52 20.39
CA ALA B 202 11.31 -23.98 19.35
C ALA B 202 12.40 -24.88 19.96
N PRO B 203 12.97 -25.78 19.16
CA PRO B 203 14.02 -26.68 19.67
C PRO B 203 15.27 -25.97 20.20
N GLU B 204 15.64 -24.84 19.64
CA GLU B 204 16.79 -24.12 20.16
C GLU B 204 16.52 -23.62 21.58
N VAL B 205 15.24 -23.38 21.88
CA VAL B 205 14.84 -22.97 23.21
C VAL B 205 14.89 -24.16 24.17
N ILE B 206 14.25 -25.24 23.79
CA ILE B 206 14.24 -26.44 24.62
C ILE B 206 15.65 -26.92 24.97
N LEU B 207 16.58 -26.80 24.02
CA LEU B 207 17.97 -27.27 24.18
C LEU B 207 18.88 -26.19 24.70
N ALA B 208 18.34 -24.99 24.85
CA ALA B 208 19.04 -23.88 25.51
C ALA B 208 20.28 -23.50 24.71
N LEU B 209 20.07 -23.24 23.43
CA LEU B 209 21.16 -22.91 22.54
C LEU B 209 21.18 -21.42 22.20
N GLY B 210 20.22 -20.67 22.73
CA GLY B 210 20.09 -19.27 22.38
C GLY B 210 19.00 -19.14 21.37
N TRP B 211 18.41 -17.96 21.29
CA TRP B 211 17.28 -17.77 20.42
C TRP B 211 17.13 -16.30 20.08
N SER B 212 16.32 -16.03 19.07
CA SER B 212 15.97 -14.69 18.69
C SER B 212 14.82 -14.82 17.73
N GLN B 213 14.73 -13.90 16.76
CA GLN B 213 13.56 -13.86 15.87
C GLN B 213 13.12 -15.24 15.35
N PRO B 214 14.09 -16.10 14.99
CA PRO B 214 13.67 -17.40 14.40
C PRO B 214 12.72 -18.24 15.25
N CYS B 215 12.80 -18.11 16.59
CA CYS B 215 11.89 -18.91 17.45
C CYS B 215 10.40 -18.55 17.25
N ASP B 216 10.11 -17.31 16.81
CA ASP B 216 8.75 -16.90 16.44
C ASP B 216 8.27 -17.62 15.20
N VAL B 217 9.20 -17.85 14.28
CA VAL B 217 8.88 -18.50 13.04
C VAL B 217 8.49 -19.93 13.29
N TRP B 218 9.24 -20.60 14.15
CA TRP B 218 8.82 -21.94 14.60
C TRP B 218 7.40 -21.89 15.19
N SER B 219 7.14 -20.92 16.05
CA SER B 219 5.83 -20.80 16.65
C SER B 219 4.76 -20.63 15.61
N ILE B 220 5.01 -19.77 14.63
CA ILE B 220 4.01 -19.61 13.55
C ILE B 220 3.73 -20.90 12.78
N GLY B 221 4.80 -21.63 12.50
CA GLY B 221 4.67 -22.93 11.87
C GLY B 221 3.69 -23.81 12.61
N CYS B 222 3.81 -23.84 13.93
CA CYS B 222 2.93 -24.64 14.79
C CYS B 222 1.54 -24.12 14.71
N ILE B 223 1.39 -22.82 14.72
CA ILE B 223 0.05 -22.23 14.67
C ILE B 223 -0.62 -22.62 13.36
N LEU B 224 0.09 -22.49 12.24
CA LEU B 224 -0.49 -22.85 10.95
C LEU B 224 -0.92 -24.31 10.83
N ILE B 225 -0.13 -25.24 11.35
CA ILE B 225 -0.53 -26.63 11.32
C ILE B 225 -1.78 -26.83 12.19
N GLU B 226 -1.91 -26.11 13.30
CA GLU B 226 -3.09 -26.27 14.16
C GLU B 226 -4.35 -25.72 13.51
N TYR B 227 -4.20 -24.63 12.77
CA TYR B 227 -5.30 -24.10 11.98
C TYR B 227 -5.77 -25.11 10.95
N TYR B 228 -4.82 -25.81 10.35
CA TYR B 228 -5.11 -26.82 9.31
C TYR B 228 -5.77 -28.07 9.89
N LEU B 229 -5.33 -28.45 11.09
CA LEU B 229 -5.82 -29.66 11.72
C LEU B 229 -6.93 -29.48 12.69
N GLY B 230 -6.92 -28.33 13.38
CA GLY B 230 -7.93 -28.06 14.42
C GLY B 230 -7.60 -28.67 15.77
N PHE B 231 -6.36 -29.07 15.94
CA PHE B 231 -5.90 -29.52 17.21
C PHE B 231 -4.42 -29.24 17.33
N THR B 232 -3.91 -29.45 18.54
CA THR B 232 -2.55 -29.07 18.92
C THR B 232 -1.63 -30.13 18.43
N VAL B 233 -0.51 -29.72 17.86
CA VAL B 233 0.34 -30.66 17.20
C VAL B 233 1.28 -31.33 18.20
N PHE B 234 1.64 -30.62 19.25
CA PHE B 234 2.53 -31.15 20.28
C PHE B 234 1.86 -31.17 21.63
N PRO B 235 0.86 -32.04 21.81
CA PRO B 235 0.12 -32.02 23.04
C PRO B 235 0.89 -32.72 24.14
N THR B 236 1.84 -32.01 24.73
CA THR B 236 2.61 -32.55 25.84
C THR B 236 3.02 -31.44 26.76
N HIS B 237 3.32 -31.82 28.00
CA HIS B 237 3.90 -30.89 28.97
C HIS B 237 5.39 -31.19 29.20
N ASP B 238 5.78 -32.44 29.02
CA ASP B 238 7.15 -32.87 29.17
C ASP B 238 8.05 -32.56 27.97
N SER B 239 9.24 -32.02 28.23
CA SER B 239 10.20 -31.64 27.18
C SER B 239 10.78 -32.79 26.35
N LYS B 240 11.00 -33.95 26.98
CA LYS B 240 11.60 -35.06 26.25
C LYS B 240 10.58 -35.63 25.23
N GLU B 241 9.38 -35.86 25.71
CA GLU B 241 8.26 -36.28 24.87
C GLU B 241 8.06 -35.29 23.71
N HIS B 242 8.21 -34.01 24.01
CA HIS B 242 8.01 -32.98 23.00
C HIS B 242 9.03 -33.20 21.90
N LEU B 243 10.29 -33.45 22.30
CA LEU B 243 11.33 -33.75 21.34
C LEU B 243 11.05 -35.05 20.59
N ALA B 244 10.57 -36.08 21.28
CA ALA B 244 10.16 -37.32 20.59
C ALA B 244 9.08 -37.01 19.57
N MET B 245 8.15 -36.13 19.92
CA MET B 245 7.13 -35.75 18.98
C MET B 245 7.71 -35.10 17.74
N MET B 246 8.65 -34.19 17.93
CA MET B 246 9.28 -33.56 16.80
C MET B 246 9.97 -34.55 15.87
N GLU B 247 10.60 -35.58 16.42
CA GLU B 247 11.30 -36.51 15.58
C GLU B 247 10.31 -37.30 14.75
N ARG B 248 9.20 -37.73 15.37
CA ARG B 248 8.19 -38.52 14.69
C ARG B 248 7.57 -37.77 13.52
N ILE B 249 7.51 -36.45 13.65
CA ILE B 249 6.90 -35.61 12.65
C ILE B 249 7.89 -35.04 11.64
N LEU B 250 9.06 -34.64 12.11
CA LEU B 250 10.02 -33.91 11.30
C LEU B 250 11.33 -34.67 11.07
N GLY B 251 11.46 -35.85 11.65
CA GLY B 251 12.74 -36.58 11.56
C GLY B 251 13.77 -36.17 12.62
N PRO B 252 14.95 -36.80 12.59
CA PRO B 252 15.93 -36.67 13.68
C PRO B 252 16.44 -35.26 13.80
N LEU B 253 16.77 -34.85 15.01
CA LEU B 253 17.39 -33.55 15.22
C LEU B 253 18.77 -33.56 14.61
N PRO B 254 19.24 -32.41 14.11
CA PRO B 254 20.59 -32.30 13.58
C PRO B 254 21.64 -32.72 14.59
N LYS B 255 22.56 -33.55 14.12
CA LYS B 255 23.67 -34.01 14.93
C LYS B 255 24.33 -32.84 15.61
N HIS B 256 24.57 -31.76 14.86
CA HIS B 256 25.35 -30.63 15.41
C HIS B 256 24.64 -29.85 16.52
N MET B 257 23.31 -29.86 16.54
CA MET B 257 22.56 -29.25 17.64
C MET B 257 22.58 -30.11 18.90
N ILE B 258 22.52 -31.43 18.70
CA ILE B 258 22.61 -32.38 19.83
C ILE B 258 23.96 -32.27 20.54
N GLN B 259 25.03 -32.23 19.77
CA GLN B 259 26.38 -32.12 20.32
C GLN B 259 26.59 -30.83 21.15
N LYS B 260 25.85 -29.77 20.81
CA LYS B 260 26.01 -28.47 21.45
C LYS B 260 25.19 -28.23 22.71
N THR B 261 24.08 -28.95 22.87
CA THR B 261 23.15 -28.64 23.96
C THR B 261 23.79 -28.85 25.33
N ARG B 262 23.45 -27.96 26.25
CA ARG B 262 23.84 -28.14 27.65
C ARG B 262 22.96 -29.22 28.31
N LYS B 263 21.86 -29.58 27.65
CA LYS B 263 20.93 -30.54 28.21
C LYS B 263 21.24 -31.99 27.83
N ARG B 264 22.35 -32.50 28.37
CA ARG B 264 22.80 -33.86 28.11
C ARG B 264 21.75 -34.91 28.54
N LYS B 265 20.93 -34.58 29.54
CA LYS B 265 19.92 -35.50 30.07
C LYS B 265 19.08 -36.16 28.96
N TYR B 266 18.70 -35.40 27.94
CA TYR B 266 17.76 -35.86 26.92
C TYR B 266 18.34 -36.92 25.97
N PHE B 267 19.65 -37.15 25.99
CA PHE B 267 20.29 -37.93 24.94
C PHE B 267 21.19 -39.07 25.42
N HIS B 268 21.29 -40.10 24.59
CA HIS B 268 22.24 -41.20 24.79
C HIS B 268 22.75 -41.52 23.38
N HIS B 269 24.06 -41.61 23.21
CA HIS B 269 24.68 -41.99 21.92
C HIS B 269 24.25 -41.17 20.69
N ASP B 270 24.14 -39.85 20.83
CA ASP B 270 23.76 -38.99 19.69
C ASP B 270 22.31 -39.20 19.21
N ARG B 271 21.56 -40.05 19.90
CA ARG B 271 20.15 -40.27 19.63
C ARG B 271 19.38 -39.77 20.86
N LEU B 272 18.11 -39.49 20.69
CA LEU B 272 17.28 -39.09 21.81
C LEU B 272 17.10 -40.32 22.65
N ASP B 273 17.24 -40.22 23.97
CA ASP B 273 17.05 -41.41 24.83
C ASP B 273 15.56 -41.60 25.06
N TRP B 274 14.96 -42.36 24.16
CA TRP B 274 13.51 -42.48 24.05
C TRP B 274 13.20 -43.93 23.75
N ASP B 275 12.47 -44.61 24.63
CA ASP B 275 12.02 -45.98 24.35
C ASP B 275 10.66 -45.98 23.61
N GLU B 276 10.71 -46.22 22.31
CA GLU B 276 9.50 -46.28 21.45
C GLU B 276 8.42 -47.24 21.94
N HIS B 277 8.83 -48.38 22.51
CA HIS B 277 7.91 -49.44 22.89
C HIS B 277 7.40 -49.28 24.31
N SER B 278 7.74 -48.17 24.95
CA SER B 278 7.16 -47.80 26.21
C SER B 278 5.76 -47.25 26.05
N SER B 279 5.12 -46.97 27.18
CA SER B 279 3.80 -46.34 27.23
C SER B 279 3.74 -44.96 26.52
N ALA B 280 4.60 -44.06 26.93
CA ALA B 280 4.67 -42.74 26.30
C ALA B 280 5.17 -42.83 24.85
N GLY B 281 5.98 -43.83 24.57
CA GLY B 281 6.49 -44.04 23.22
C GLY B 281 5.37 -44.35 22.24
N ARG B 282 4.50 -45.26 22.64
CA ARG B 282 3.31 -45.61 21.84
C ARG B 282 2.33 -44.42 21.71
N TYR B 283 2.20 -43.60 22.75
CA TYR B 283 1.40 -42.37 22.66
C TYR B 283 1.92 -41.49 21.51
N VAL B 284 3.22 -41.28 21.48
CA VAL B 284 3.81 -40.47 20.44
C VAL B 284 3.60 -41.06 19.01
N SER B 285 3.84 -42.34 18.84
CA SER B 285 3.61 -42.95 17.54
C SER B 285 2.20 -42.69 16.97
N ARG B 286 1.21 -42.62 17.86
CA ARG B 286 -0.20 -42.51 17.48
C ARG B 286 -0.65 -41.06 17.41
N ALA B 287 -0.19 -40.22 18.31
CA ALA B 287 -0.50 -38.79 18.21
C ALA B 287 0.26 -38.10 17.06
N CYS B 288 1.31 -38.76 16.58
CA CYS B 288 2.21 -38.11 15.70
C CYS B 288 2.56 -38.93 14.44
N LYS B 289 2.75 -38.22 13.33
CA LYS B 289 3.10 -38.82 12.02
C LYS B 289 4.08 -37.95 11.30
N PRO B 290 4.78 -38.51 10.30
CA PRO B 290 5.51 -37.60 9.42
C PRO B 290 4.64 -36.42 8.89
N LEU B 291 5.20 -35.22 8.95
CA LEU B 291 4.49 -33.99 8.54
C LEU B 291 3.51 -34.16 7.38
N LYS B 292 4.01 -34.62 6.24
CA LYS B 292 3.22 -34.59 5.01
C LYS B 292 2.03 -35.53 5.06
N GLU B 293 2.11 -36.54 5.92
CA GLU B 293 1.00 -37.46 6.11
C GLU B 293 -0.21 -36.80 6.75
N PHE B 294 -0.03 -35.64 7.37
CA PHE B 294 -1.16 -34.87 7.87
C PHE B 294 -1.98 -34.17 6.79
N MET B 295 -1.51 -34.17 5.54
CA MET B 295 -2.20 -33.44 4.47
C MET B 295 -3.50 -34.12 4.19
N LEU B 296 -4.52 -33.33 3.87
CA LEU B 296 -5.84 -33.86 3.62
C LEU B 296 -6.14 -33.91 2.14
N SER B 297 -5.18 -33.47 1.34
CA SER B 297 -5.35 -33.40 -0.09
C SER B 297 -4.01 -33.18 -0.77
N GLN B 298 -3.88 -33.72 -1.98
CA GLN B 298 -2.70 -33.52 -2.83
C GLN B 298 -2.79 -32.23 -3.64
N ASP B 299 -3.96 -31.60 -3.64
CA ASP B 299 -4.16 -30.31 -4.31
C ASP B 299 -3.00 -29.38 -4.06
N VAL B 300 -2.65 -28.63 -5.08
CA VAL B 300 -1.43 -27.88 -5.04
C VAL B 300 -1.41 -26.85 -3.90
N GLU B 301 -2.56 -26.26 -3.59
CA GLU B 301 -2.60 -25.27 -2.53
C GLU B 301 -2.29 -25.89 -1.16
N HIS B 302 -2.70 -27.13 -0.95
CA HIS B 302 -2.35 -27.82 0.25
C HIS B 302 -0.86 -28.06 0.30
N GLU B 303 -0.29 -28.48 -0.81
CA GLU B 303 1.14 -28.75 -0.92
C GLU B 303 1.94 -27.50 -0.65
N ARG B 304 1.47 -26.40 -1.21
CA ARG B 304 2.10 -25.12 -0.97
C ARG B 304 2.11 -24.76 0.50
N LEU B 305 0.98 -24.92 1.19
CA LEU B 305 0.95 -24.63 2.62
C LEU B 305 1.95 -25.48 3.37
N PHE B 306 1.97 -26.78 3.06
CA PHE B 306 2.84 -27.68 3.80
C PHE B 306 4.32 -27.50 3.50
N ASP B 307 4.65 -26.93 2.36
CA ASP B 307 6.03 -26.59 2.09
C ASP B 307 6.45 -25.41 2.97
N LEU B 308 5.57 -24.42 3.10
CA LEU B 308 5.84 -23.31 3.97
C LEU B 308 6.03 -23.71 5.44
N ILE B 309 5.12 -24.53 5.93
CA ILE B 309 5.17 -25.00 7.28
C ILE B 309 6.46 -25.75 7.51
N GLN B 310 6.82 -26.61 6.56
CA GLN B 310 8.04 -27.38 6.69
C GLN B 310 9.26 -26.50 6.88
N LYS B 311 9.28 -25.38 6.19
CA LYS B 311 10.39 -24.46 6.25
C LYS B 311 10.40 -23.61 7.50
N MET B 312 9.23 -23.40 8.06
CA MET B 312 9.13 -22.73 9.35
C MET B 312 9.56 -23.68 10.46
N LEU B 313 9.40 -24.98 10.24
CA LEU B 313 9.75 -25.97 11.23
C LEU B 313 11.07 -26.61 10.92
N GLU B 314 11.94 -25.88 10.25
CA GLU B 314 13.33 -26.26 10.14
C GLU B 314 13.95 -26.21 11.55
N TYR B 315 14.56 -27.31 11.98
CA TYR B 315 15.19 -27.42 13.29
C TYR B 315 16.25 -26.34 13.52
N ASP B 316 17.15 -26.16 12.56
CA ASP B 316 18.28 -25.25 12.72
C ASP B 316 17.82 -23.80 12.52
N PRO B 317 17.84 -23.00 13.59
CA PRO B 317 17.32 -21.64 13.46
C PRO B 317 18.08 -20.81 12.41
N ALA B 318 19.35 -21.08 12.22
CA ALA B 318 20.12 -20.37 11.19
C ALA B 318 19.61 -20.67 9.76
N LYS B 319 19.02 -21.85 9.55
CA LYS B 319 18.50 -22.25 8.24
C LYS B 319 16.99 -22.02 8.08
N ARG B 320 16.30 -21.81 9.18
CA ARG B 320 14.85 -21.60 9.16
C ARG B 320 14.51 -20.43 8.29
N ILE B 321 13.42 -20.53 7.56
CA ILE B 321 12.96 -19.42 6.76
C ILE B 321 12.68 -18.20 7.66
N THR B 322 12.94 -17.01 7.14
CA THR B 322 12.54 -15.78 7.80
C THR B 322 11.16 -15.38 7.33
N LEU B 323 10.51 -14.53 8.10
CA LEU B 323 9.18 -14.03 7.71
C LEU B 323 9.23 -13.18 6.44
N ARG B 324 10.34 -12.47 6.24
CA ARG B 324 10.49 -11.71 5.00
C ARG B 324 10.40 -12.64 3.77
N GLU B 325 11.09 -13.77 3.84
CA GLU B 325 11.05 -14.76 2.78
C GLU B 325 9.68 -15.41 2.76
N ALA B 326 9.14 -15.69 3.93
CA ALA B 326 7.85 -16.35 4.06
C ALA B 326 6.73 -15.59 3.36
N LEU B 327 6.73 -14.26 3.47
CA LEU B 327 5.73 -13.44 2.76
C LEU B 327 5.78 -13.52 1.18
N LYS B 328 6.89 -14.03 0.63
CA LYS B 328 7.05 -14.21 -0.81
C LYS B 328 6.72 -15.62 -1.24
N HIS B 329 6.30 -16.45 -0.30
CA HIS B 329 6.13 -17.87 -0.59
C HIS B 329 4.90 -18.05 -1.47
N PRO B 330 4.96 -19.00 -2.41
CA PRO B 330 3.87 -19.22 -3.40
C PRO B 330 2.46 -19.46 -2.80
N PHE B 331 2.40 -19.93 -1.55
CA PHE B 331 1.14 -20.12 -0.86
C PHE B 331 0.36 -18.82 -0.86
N PHE B 332 1.07 -17.70 -0.86
CA PHE B 332 0.41 -16.43 -0.73
C PHE B 332 0.05 -15.79 -2.06
N ASP B 333 0.51 -16.38 -3.17
CA ASP B 333 0.28 -15.80 -4.51
C ASP B 333 -1.20 -15.53 -4.80
N LEU B 334 -2.10 -16.40 -4.35
CA LEU B 334 -3.55 -16.18 -4.56
C LEU B 334 -4.07 -14.86 -3.94
N LEU B 335 -3.36 -14.29 -2.96
CA LEU B 335 -3.74 -13.01 -2.37
C LEU B 335 -3.27 -11.78 -3.14
N LYS B 336 -2.61 -11.97 -4.28
CA LYS B 336 -2.03 -10.82 -5.02
C LYS B 336 -2.53 -10.76 -6.45
N LYS B 337 -2.56 -9.56 -7.02
CA LYS B 337 -3.13 -9.27 -8.36
C LYS B 337 -2.09 -8.95 -9.45
N SER C 1 10.74 20.07 13.69
CA SER C 1 11.61 19.96 14.90
C SER C 1 12.91 19.16 14.66
N MET C 2 13.38 19.08 13.41
CA MET C 2 14.60 18.32 13.14
C MET C 2 15.89 19.06 13.52
N HIS C 3 15.91 20.36 13.32
CA HIS C 3 17.05 21.17 13.74
C HIS C 3 17.34 21.04 15.24
N LEU C 4 16.32 20.73 16.03
CA LEU C 4 16.50 20.55 17.47
C LEU C 4 17.35 19.35 17.82
N ILE C 5 17.58 18.42 16.89
CA ILE C 5 18.23 17.15 17.27
C ILE C 5 19.38 16.73 16.35
N CYS C 6 19.84 17.64 15.47
CA CYS C 6 20.80 17.27 14.43
C CYS C 6 22.02 18.16 14.44
N GLN C 7 22.26 18.87 15.56
CA GLN C 7 23.38 19.84 15.68
C GLN C 7 24.72 19.24 16.12
N SER C 8 25.82 19.87 15.71
CA SER C 8 27.18 19.45 16.12
C SER C 8 27.27 19.28 17.61
N GLY C 9 27.79 18.14 18.06
CA GLY C 9 27.97 17.87 19.47
C GLY C 9 26.87 17.03 20.04
N ASP C 10 25.72 17.02 19.39
CA ASP C 10 24.62 16.15 19.83
C ASP C 10 25.02 14.70 19.77
N VAL C 11 24.46 13.90 20.67
CA VAL C 11 24.72 12.47 20.72
C VAL C 11 23.41 11.76 20.46
N LEU C 12 23.41 10.84 19.50
CA LEU C 12 22.24 10.09 19.18
C LEU C 12 22.37 8.70 19.76
N SER C 13 21.29 8.23 20.39
CA SER C 13 21.19 6.86 20.84
C SER C 13 22.36 6.56 21.76
N ALA C 14 22.77 7.55 22.56
CA ALA C 14 23.87 7.38 23.53
C ALA C 14 25.17 6.81 22.94
N ARG C 15 25.44 7.12 21.68
CA ARG C 15 26.46 6.41 20.93
C ARG C 15 27.17 7.30 19.91
N TYR C 16 26.41 7.96 19.06
CA TYR C 16 26.92 8.64 17.89
C TYR C 16 26.97 10.15 18.11
N GLU C 17 28.17 10.73 18.05
CA GLU C 17 28.33 12.16 18.22
C GLU C 17 28.41 12.89 16.87
N ILE C 18 27.49 13.82 16.66
CA ILE C 18 27.42 14.56 15.44
C ILE C 18 28.62 15.50 15.28
N VAL C 19 29.32 15.35 14.15
CA VAL C 19 30.44 16.17 13.76
C VAL C 19 29.96 17.29 12.86
N ASP C 20 29.27 16.94 11.78
CA ASP C 20 28.88 17.93 10.79
C ASP C 20 27.87 17.34 9.83
N THR C 21 27.24 18.19 9.05
CA THR C 21 26.26 17.79 8.09
C THR C 21 26.92 17.41 6.78
N LEU C 22 26.50 16.29 6.19
CA LEU C 22 27.01 15.84 4.92
C LEU C 22 26.09 16.26 3.79
N GLY C 23 24.79 16.10 3.98
CA GLY C 23 23.83 16.59 3.03
C GLY C 23 22.43 16.74 3.58
N GLU C 24 21.61 17.49 2.86
CA GLU C 24 20.26 17.78 3.26
C GLU C 24 19.35 17.49 2.09
N GLY C 25 18.11 17.12 2.39
CA GLY C 25 17.08 16.92 1.38
C GLY C 25 15.73 17.20 2.02
N ALA C 26 14.65 16.90 1.31
CA ALA C 26 13.33 17.05 1.92
C ALA C 26 13.07 15.84 2.78
N PHE C 27 13.83 14.76 2.54
CA PHE C 27 13.74 13.57 3.38
C PHE C 27 14.25 13.81 4.79
N GLY C 28 15.21 14.72 4.96
CA GLY C 28 15.86 14.98 6.24
C GLY C 28 17.29 15.38 5.96
N LYS C 29 18.24 14.81 6.71
CA LYS C 29 19.65 15.05 6.45
C LYS C 29 20.55 13.89 6.79
N VAL C 30 21.80 14.01 6.37
CA VAL C 30 22.78 13.02 6.64
C VAL C 30 23.89 13.72 7.32
N VAL C 31 24.30 13.20 8.47
CA VAL C 31 25.34 13.84 9.27
C VAL C 31 26.50 12.85 9.46
N GLU C 32 27.71 13.35 9.45
CA GLU C 32 28.83 12.57 9.86
C GLU C 32 28.83 12.50 11.39
N CYS C 33 29.08 11.31 11.93
CA CYS C 33 29.17 11.10 13.35
C CYS C 33 30.39 10.25 13.72
N ILE C 34 30.84 10.48 14.94
CA ILE C 34 31.78 9.63 15.61
C ILE C 34 31.04 8.57 16.42
N ASP C 35 31.29 7.31 16.12
CA ASP C 35 30.67 6.19 16.82
C ASP C 35 31.49 5.81 18.03
N HIS C 36 31.09 6.27 19.22
CA HIS C 36 31.87 6.04 20.44
C HIS C 36 31.84 4.62 20.95
N LYS C 37 30.90 3.81 20.48
CA LYS C 37 30.89 2.41 20.87
C LYS C 37 31.62 1.50 19.86
N ALA C 38 32.11 2.08 18.77
CA ALA C 38 32.96 1.34 17.85
C ALA C 38 34.32 2.00 17.68
N GLY C 39 34.88 2.48 18.76
CA GLY C 39 36.28 2.87 18.79
C GLY C 39 36.57 4.22 18.20
N GLY C 40 35.53 5.01 17.89
CA GLY C 40 35.71 6.32 17.30
C GLY C 40 35.48 6.36 15.81
N ARG C 41 35.13 5.22 15.23
CA ARG C 41 34.92 5.11 13.83
C ARG C 41 33.91 6.14 13.37
N HIS C 42 34.19 6.83 12.25
CA HIS C 42 33.26 7.78 11.70
C HIS C 42 32.29 7.06 10.78
N VAL C 43 31.03 7.46 10.87
CA VAL C 43 29.98 6.87 10.11
C VAL C 43 29.07 8.00 9.61
N ALA C 44 28.11 7.63 8.78
CA ALA C 44 27.13 8.57 8.25
C ALA C 44 25.78 8.17 8.73
N VAL C 45 25.02 9.13 9.25
CA VAL C 45 23.73 8.83 9.82
C VAL C 45 22.73 9.67 9.11
N LYS C 46 21.71 8.98 8.56
CA LYS C 46 20.61 9.61 7.91
C LYS C 46 19.50 9.78 8.91
N ILE C 47 19.12 11.03 9.18
CA ILE C 47 18.04 11.34 10.10
C ILE C 47 16.86 11.75 9.29
N VAL C 48 15.77 11.00 9.41
CA VAL C 48 14.63 11.15 8.50
C VAL C 48 13.57 12.01 9.12
N LYS C 49 13.04 12.95 8.37
CA LYS C 49 11.98 13.80 8.86
C LYS C 49 10.88 12.95 9.41
N ASN C 50 10.23 13.45 10.45
CA ASN C 50 9.13 12.73 11.05
C ASN C 50 7.81 12.96 10.33
N VAL C 51 7.71 12.35 9.16
CA VAL C 51 6.62 12.56 8.24
C VAL C 51 6.40 11.24 7.53
N ASP C 52 5.15 10.75 7.56
CA ASP C 52 4.83 9.41 7.04
C ASP C 52 5.41 9.10 5.66
N ARG C 53 5.24 10.01 4.70
CA ARG C 53 5.86 9.83 3.39
C ARG C 53 7.32 9.34 3.56
N TYR C 54 8.13 10.12 4.28
CA TYR C 54 9.59 9.85 4.34
C TYR C 54 9.92 8.75 5.35
N CYS C 55 9.04 8.58 6.33
CA CYS C 55 9.12 7.44 7.25
C CYS C 55 9.00 6.09 6.55
N GLU C 56 7.98 5.96 5.70
CA GLU C 56 7.74 4.73 4.97
C GLU C 56 8.88 4.45 4.01
N ALA C 57 9.34 5.49 3.33
CA ALA C 57 10.53 5.37 2.47
C ALA C 57 11.75 4.79 3.20
N ALA C 58 11.90 5.17 4.46
CA ALA C 58 13.04 4.74 5.25
C ALA C 58 12.92 3.31 5.71
N ARG C 59 11.71 2.92 6.10
CA ARG C 59 11.43 1.56 6.51
C ARG C 59 11.67 0.67 5.28
N SER C 60 11.28 1.18 4.11
CA SER C 60 11.48 0.48 2.86
C SER C 60 12.97 0.30 2.52
N GLU C 61 13.73 1.39 2.66
CA GLU C 61 15.13 1.35 2.38
C GLU C 61 15.81 0.34 3.28
N ILE C 62 15.38 0.28 4.54
CA ILE C 62 15.96 -0.64 5.48
C ILE C 62 15.72 -2.04 4.98
N GLN C 63 14.51 -2.34 4.57
CA GLN C 63 14.22 -3.67 4.03
C GLN C 63 15.18 -3.97 2.88
N VAL C 64 15.25 -3.06 1.93
CA VAL C 64 16.05 -3.27 0.76
C VAL C 64 17.55 -3.44 1.06
N LEU C 65 18.09 -2.66 1.99
CA LEU C 65 19.51 -2.78 2.28
C LEU C 65 19.84 -4.03 3.10
N GLU C 66 18.88 -4.56 3.81
CA GLU C 66 19.13 -5.74 4.59
C GLU C 66 19.30 -6.88 3.61
N HIS C 67 18.48 -6.86 2.57
CA HIS C 67 18.59 -7.81 1.47
C HIS C 67 19.94 -7.70 0.74
N LEU C 68 20.25 -6.51 0.25
CA LEU C 68 21.43 -6.34 -0.52
C LEU C 68 22.73 -6.54 0.30
N ASN C 69 22.80 -5.99 1.50
CA ASN C 69 24.02 -6.14 2.30
C ASN C 69 24.25 -7.59 2.73
N THR C 70 23.19 -8.39 2.73
CA THR C 70 23.29 -9.80 3.04
C THR C 70 23.76 -10.57 1.81
N THR C 71 23.10 -10.34 0.68
CA THR C 71 23.51 -10.91 -0.59
C THR C 71 24.97 -10.58 -0.89
N ASP C 72 25.39 -9.35 -0.57
CA ASP C 72 26.69 -8.84 -1.00
C ASP C 72 27.45 -8.18 0.15
N PRO C 73 27.82 -8.97 1.16
CA PRO C 73 28.41 -8.44 2.37
C PRO C 73 29.73 -7.70 2.16
N ASN C 74 30.50 -8.12 1.15
CA ASN C 74 31.75 -7.43 0.81
C ASN C 74 31.54 -6.26 -0.13
N SER C 75 30.31 -6.07 -0.61
CA SER C 75 29.99 -4.94 -1.48
C SER C 75 30.74 -4.99 -2.80
N THR C 76 30.91 -6.19 -3.32
CA THR C 76 31.45 -6.39 -4.66
C THR C 76 30.70 -5.51 -5.66
N PHE C 77 29.38 -5.40 -5.50
CA PHE C 77 28.55 -4.63 -6.43
C PHE C 77 28.22 -3.19 -5.97
N ARG C 78 28.92 -2.73 -4.94
CA ARG C 78 29.06 -1.30 -4.66
C ARG C 78 27.80 -0.55 -4.25
N CYS C 79 26.91 -1.25 -3.58
CA CYS C 79 25.86 -0.56 -2.83
C CYS C 79 26.43 -0.26 -1.45
N VAL C 80 26.07 0.92 -0.93
CA VAL C 80 26.51 1.35 0.39
C VAL C 80 26.07 0.37 1.46
N GLN C 81 26.94 0.09 2.42
CA GLN C 81 26.63 -0.79 3.56
C GLN C 81 25.90 -0.04 4.69
N MET C 82 24.74 -0.56 5.09
CA MET C 82 24.00 -0.07 6.26
C MET C 82 24.47 -0.85 7.48
N LEU C 83 24.96 -0.13 8.46
CA LEU C 83 25.48 -0.73 9.69
C LEU C 83 24.44 -0.96 10.76
N GLU C 84 23.42 -0.12 10.83
CA GLU C 84 22.43 -0.19 11.91
C GLU C 84 21.33 0.81 11.62
N TRP C 85 20.21 0.66 12.30
CA TRP C 85 19.22 1.72 12.33
C TRP C 85 18.67 1.89 13.74
N PHE C 86 18.08 3.04 14.05
CA PHE C 86 17.46 3.25 15.37
C PHE C 86 16.51 4.43 15.38
N GLU C 87 15.80 4.57 16.49
CA GLU C 87 14.84 5.66 16.69
C GLU C 87 15.49 6.66 17.63
N HIS C 88 15.30 7.94 17.35
CA HIS C 88 15.81 8.99 18.21
C HIS C 88 14.82 10.11 18.27
N HIS C 89 14.22 10.32 19.43
CA HIS C 89 13.19 11.35 19.57
C HIS C 89 12.20 11.30 18.41
N GLY C 90 11.71 10.11 18.09
CA GLY C 90 10.64 9.98 17.10
C GLY C 90 11.14 10.02 15.66
N HIS C 91 12.45 9.99 15.48
CA HIS C 91 13.01 10.09 14.17
C HIS C 91 13.75 8.82 13.85
N ILE C 92 13.53 8.28 12.66
CA ILE C 92 14.26 7.11 12.22
C ILE C 92 15.63 7.57 11.77
N CYS C 93 16.66 6.89 12.24
CA CYS C 93 17.99 7.18 11.86
C CYS C 93 18.62 5.90 11.33
N ILE C 94 19.35 6.01 10.24
CA ILE C 94 19.95 4.87 9.64
C ILE C 94 21.41 5.13 9.53
N VAL C 95 22.22 4.16 9.95
CA VAL C 95 23.65 4.32 9.99
C VAL C 95 24.31 3.62 8.81
N PHE C 96 25.23 4.32 8.17
CA PHE C 96 25.92 3.83 6.97
C PHE C 96 27.41 4.01 7.15
N GLU C 97 28.16 3.21 6.42
CA GLU C 97 29.59 3.42 6.28
C GLU C 97 29.76 4.84 5.77
N LEU C 98 30.81 5.50 6.20
CA LEU C 98 31.07 6.83 5.76
C LEU C 98 31.82 6.82 4.41
N LEU C 99 31.30 7.57 3.45
CA LEU C 99 31.94 7.68 2.14
C LEU C 99 32.46 9.10 1.90
N GLY C 100 33.01 9.34 0.70
CA GLY C 100 33.44 10.65 0.30
C GLY C 100 32.32 11.52 -0.27
N LEU C 101 32.73 12.57 -0.96
CA LEU C 101 31.79 13.43 -1.67
C LEU C 101 30.97 12.69 -2.70
N SER C 102 29.75 13.14 -2.90
CA SER C 102 28.99 12.73 -4.04
C SER C 102 29.65 13.28 -5.32
N THR C 103 29.32 12.65 -6.43
CA THR C 103 29.90 13.07 -7.68
C THR C 103 29.40 14.44 -7.96
N TYR C 104 28.20 14.73 -7.46
CA TYR C 104 27.67 16.09 -7.65
C TYR C 104 28.49 17.14 -6.90
N ASP C 105 28.81 16.87 -5.64
CA ASP C 105 29.53 17.89 -4.88
C ASP C 105 30.92 18.08 -5.46
N PHE C 106 31.52 17.00 -5.94
CA PHE C 106 32.86 17.10 -6.49
C PHE C 106 32.86 17.98 -7.73
N ILE C 107 31.92 17.77 -8.62
CA ILE C 107 31.77 18.66 -9.78
C ILE C 107 31.54 20.11 -9.33
N LYS C 108 30.63 20.29 -8.38
CA LYS C 108 30.29 21.64 -7.89
C LYS C 108 31.51 22.35 -7.31
N GLU C 109 32.26 21.64 -6.48
CA GLU C 109 33.41 22.23 -5.81
C GLU C 109 34.61 22.39 -6.71
N ASN C 110 34.55 21.80 -7.89
CA ASN C 110 35.57 21.93 -8.91
C ASN C 110 35.16 22.93 -9.97
N GLY C 111 34.18 23.77 -9.66
CA GLY C 111 33.79 24.86 -10.56
C GLY C 111 32.96 24.39 -11.73
N PHE C 112 32.19 23.32 -11.52
CA PHE C 112 31.34 22.77 -12.58
C PHE C 112 32.15 22.45 -13.82
N LEU C 113 33.20 21.68 -13.65
CA LEU C 113 33.96 21.19 -14.78
C LEU C 113 33.76 19.70 -14.88
N PRO C 114 33.94 19.17 -16.09
CA PRO C 114 33.68 17.75 -16.26
C PRO C 114 34.79 16.90 -15.68
N PHE C 115 34.48 15.65 -15.46
CA PHE C 115 35.51 14.67 -15.16
C PHE C 115 36.29 14.31 -16.43
N ARG C 116 37.55 13.92 -16.25
CA ARG C 116 38.36 13.34 -17.32
C ARG C 116 37.72 12.06 -17.80
N LEU C 117 37.90 11.77 -19.09
CA LEU C 117 37.23 10.66 -19.75
C LEU C 117 37.58 9.28 -19.17
N ASP C 118 38.84 9.05 -18.85
CA ASP C 118 39.23 7.82 -18.21
C ASP C 118 38.55 7.62 -16.84
N HIS C 119 38.27 8.69 -16.10
CA HIS C 119 37.52 8.51 -14.87
C HIS C 119 36.07 8.23 -15.16
N ILE C 120 35.50 8.95 -16.10
CA ILE C 120 34.12 8.69 -16.47
C ILE C 120 33.98 7.21 -16.82
N ARG C 121 34.97 6.65 -17.52
CA ARG C 121 34.90 5.25 -17.93
C ARG C 121 34.80 4.30 -16.73
N LYS C 122 35.69 4.48 -15.74
CA LYS C 122 35.66 3.60 -14.56
C LYS C 122 34.36 3.80 -13.81
N MET C 123 33.97 5.06 -13.64
CA MET C 123 32.79 5.38 -12.88
C MET C 123 31.56 4.83 -13.56
N ALA C 124 31.50 5.02 -14.87
CA ALA C 124 30.37 4.50 -15.66
C ALA C 124 30.27 2.98 -15.60
N TYR C 125 31.40 2.30 -15.57
CA TYR C 125 31.40 0.86 -15.44
C TYR C 125 30.86 0.46 -14.08
N GLN C 126 31.39 1.05 -13.03
CA GLN C 126 30.92 0.73 -11.67
C GLN C 126 29.47 1.04 -11.46
N ILE C 127 28.99 2.16 -11.97
CA ILE C 127 27.58 2.46 -11.83
C ILE C 127 26.77 1.35 -12.51
N CYS C 128 27.11 1.03 -13.75
CA CYS C 128 26.37 0.03 -14.54
C CYS C 128 26.41 -1.36 -13.87
N LYS C 129 27.55 -1.73 -13.34
CA LYS C 129 27.69 -3.00 -12.62
C LYS C 129 26.81 -3.01 -11.38
N SER C 130 26.83 -1.91 -10.62
CA SER C 130 26.06 -1.82 -9.41
C SER C 130 24.57 -1.89 -9.69
N VAL C 131 24.08 -1.05 -10.59
CA VAL C 131 22.65 -1.00 -10.83
C VAL C 131 22.21 -2.30 -11.50
N ASN C 132 23.10 -2.91 -12.29
CA ASN C 132 22.76 -4.17 -12.92
C ASN C 132 22.59 -5.26 -11.89
N PHE C 133 23.39 -5.20 -10.84
CA PHE C 133 23.19 -6.09 -9.68
C PHE C 133 21.83 -5.88 -9.04
N LEU C 134 21.39 -4.64 -8.91
CA LEU C 134 20.02 -4.38 -8.46
C LEU C 134 19.04 -5.06 -9.38
N HIS C 135 19.22 -4.86 -10.68
CA HIS C 135 18.31 -5.44 -11.68
C HIS C 135 18.27 -6.96 -11.60
N SER C 136 19.40 -7.58 -11.30
CA SER C 136 19.46 -9.04 -11.04
C SER C 136 18.61 -9.47 -9.87
N ASN C 137 18.44 -8.61 -8.89
CA ASN C 137 17.62 -8.91 -7.74
C ASN C 137 16.23 -8.34 -7.85
N LYS C 138 15.77 -8.13 -9.07
CA LYS C 138 14.39 -7.74 -9.31
C LYS C 138 14.06 -6.41 -8.66
N LEU C 139 15.04 -5.51 -8.67
CA LEU C 139 14.88 -4.15 -8.15
C LEU C 139 15.15 -3.10 -9.23
N THR C 140 14.36 -2.04 -9.21
CA THR C 140 14.64 -0.81 -9.92
C THR C 140 14.94 0.27 -8.84
N HIS C 141 15.99 1.07 -9.04
CA HIS C 141 16.40 2.09 -8.08
C HIS C 141 15.47 3.31 -8.14
N THR C 142 15.29 3.83 -9.36
CA THR C 142 14.31 4.88 -9.70
C THR C 142 14.77 6.32 -9.46
N ASP C 143 15.80 6.50 -8.67
CA ASP C 143 16.27 7.85 -8.33
C ASP C 143 17.76 7.99 -8.52
N LEU C 144 18.27 7.46 -9.63
CA LEU C 144 19.67 7.58 -9.87
C LEU C 144 19.96 8.98 -10.36
N LYS C 145 21.02 9.57 -9.81
CA LYS C 145 21.47 10.91 -10.17
C LYS C 145 22.81 11.15 -9.54
N PRO C 146 23.51 12.18 -9.95
CA PRO C 146 24.86 12.33 -9.41
C PRO C 146 24.98 12.55 -7.88
N GLU C 147 23.94 13.11 -7.24
CA GLU C 147 23.93 13.19 -5.77
C GLU C 147 23.94 11.81 -5.11
N ASN C 148 23.42 10.79 -5.79
CA ASN C 148 23.31 9.46 -5.21
C ASN C 148 24.41 8.51 -5.60
N ILE C 149 25.46 9.05 -6.23
CA ILE C 149 26.64 8.31 -6.52
C ILE C 149 27.74 8.99 -5.77
N LEU C 150 28.48 8.22 -4.99
CA LEU C 150 29.45 8.80 -4.10
C LEU C 150 30.80 8.16 -4.29
N PHE C 151 31.83 8.98 -4.23
CA PHE C 151 33.15 8.45 -4.17
C PHE C 151 33.34 7.76 -2.84
N VAL C 152 34.02 6.64 -2.88
CA VAL C 152 34.43 5.89 -1.72
C VAL C 152 35.43 6.71 -0.94
N GLN C 153 36.38 7.32 -1.62
CA GLN C 153 37.21 8.33 -1.00
C GLN C 153 37.44 9.44 -2.02
N SER C 154 37.35 10.68 -1.57
CA SER C 154 37.39 11.85 -2.46
C SER C 154 38.71 12.67 -2.32
N ASP C 155 39.70 12.10 -1.63
CA ASP C 155 41.09 12.55 -1.73
C ASP C 155 41.43 12.99 -3.16
N TYR C 156 42.20 14.07 -3.28
CA TYR C 156 42.56 14.60 -4.59
C TYR C 156 43.95 15.26 -4.56
N THR C 157 44.63 15.25 -5.71
CA THR C 157 45.89 15.99 -5.87
C THR C 157 45.61 17.25 -6.68
N GLU C 158 46.51 18.21 -6.57
CA GLU C 158 46.37 19.48 -7.26
C GLU C 158 47.52 19.74 -8.24
N ALA C 159 47.18 20.35 -9.36
CA ALA C 159 48.16 20.73 -10.37
C ALA C 159 47.62 21.93 -11.15
N TYR C 160 48.51 22.83 -11.56
CA TYR C 160 48.12 24.01 -12.33
C TYR C 160 47.93 23.64 -13.82
N ASN C 161 46.71 23.26 -14.19
CA ASN C 161 46.40 22.95 -15.60
C ASN C 161 46.13 24.23 -16.38
N PRO C 162 47.09 24.67 -17.21
CA PRO C 162 46.96 25.98 -17.86
C PRO C 162 46.03 26.00 -19.09
N LYS C 163 45.33 24.89 -19.37
CA LYS C 163 44.23 24.89 -20.35
C LYS C 163 43.04 25.76 -19.88
N ILE C 164 42.92 25.93 -18.56
CA ILE C 164 41.93 26.84 -17.96
C ILE C 164 42.56 28.05 -17.26
N LYS C 165 43.87 27.96 -16.96
CA LYS C 165 44.63 29.03 -16.30
C LYS C 165 44.37 29.04 -14.79
N ARG C 166 44.04 27.88 -14.23
CA ARG C 166 43.54 27.76 -12.85
C ARG C 166 44.01 26.45 -12.19
N ASP C 167 44.34 26.51 -10.90
CA ASP C 167 44.64 25.31 -10.11
C ASP C 167 43.52 24.29 -10.29
N GLU C 168 43.86 23.00 -10.24
CA GLU C 168 42.90 21.93 -10.59
C GLU C 168 42.86 20.79 -9.58
N ARG C 169 41.66 20.32 -9.30
CA ARG C 169 41.47 19.18 -8.40
C ARG C 169 41.38 17.93 -9.26
N THR C 170 42.18 16.91 -8.92
CA THR C 170 42.14 15.62 -9.62
C THR C 170 41.98 14.44 -8.65
N LEU C 171 40.95 13.63 -8.88
CA LEU C 171 40.70 12.45 -8.08
C LEU C 171 41.87 11.52 -8.08
N ILE C 172 42.27 11.09 -6.90
CA ILE C 172 43.19 9.97 -6.79
C ILE C 172 42.42 8.74 -7.23
N ASN C 173 41.41 8.39 -6.45
CA ASN C 173 40.68 7.16 -6.66
C ASN C 173 39.23 7.43 -7.05
N PRO C 174 38.83 6.97 -8.23
CA PRO C 174 37.49 7.27 -8.70
C PRO C 174 36.42 6.23 -8.36
N ASP C 175 36.72 5.27 -7.47
CA ASP C 175 35.74 4.31 -7.07
C ASP C 175 34.51 4.97 -6.43
N ILE C 176 33.33 4.46 -6.78
CA ILE C 176 32.07 4.96 -6.31
C ILE C 176 31.19 3.88 -5.69
N LYS C 177 30.19 4.33 -4.93
CA LYS C 177 29.12 3.48 -4.50
C LYS C 177 27.84 4.18 -4.78
N VAL C 178 26.77 3.41 -4.88
CA VAL C 178 25.43 3.95 -5.08
C VAL C 178 24.77 4.03 -3.72
N VAL C 179 24.04 5.11 -3.47
CA VAL C 179 23.26 5.28 -2.22
C VAL C 179 21.82 5.63 -2.51
N ASP C 180 21.04 5.63 -1.43
CA ASP C 180 19.64 6.04 -1.38
C ASP C 180 18.70 5.06 -2.04
N PHE C 181 18.24 4.08 -1.25
CA PHE C 181 17.38 3.03 -1.73
C PHE C 181 15.97 3.13 -1.22
N GLY C 182 15.56 4.32 -0.84
CA GLY C 182 14.20 4.52 -0.31
C GLY C 182 13.10 4.63 -1.32
N SER C 183 13.46 4.72 -2.61
CA SER C 183 12.47 4.65 -3.69
C SER C 183 12.56 3.35 -4.44
N ALA C 184 13.47 2.48 -4.03
CA ALA C 184 13.77 1.29 -4.80
C ALA C 184 12.57 0.37 -4.72
N THR C 185 12.22 -0.23 -5.84
CA THR C 185 10.99 -0.99 -5.95
C THR C 185 11.28 -2.36 -6.51
N TYR C 186 10.69 -3.37 -5.88
CA TYR C 186 10.76 -4.73 -6.40
C TYR C 186 9.77 -4.94 -7.57
N ASP C 187 10.11 -5.84 -8.49
CA ASP C 187 9.23 -6.15 -9.65
C ASP C 187 7.78 -6.45 -9.24
N ASP C 188 7.63 -7.07 -8.07
CA ASP C 188 6.32 -7.48 -7.53
C ASP C 188 5.58 -6.38 -6.77
N GLU C 189 6.31 -5.40 -6.24
CA GLU C 189 5.67 -4.27 -5.59
C GLU C 189 4.82 -3.49 -6.58
N HIS C 190 3.95 -2.65 -6.05
CA HIS C 190 3.26 -1.69 -6.87
C HIS C 190 4.27 -0.74 -7.46
N HIS C 191 4.15 -0.49 -8.75
CA HIS C 191 4.91 0.53 -9.43
C HIS C 191 3.92 1.66 -9.68
N SER C 192 3.92 2.67 -8.82
CA SER C 192 2.96 3.73 -8.99
C SER C 192 3.48 4.61 -10.10
N THR C 193 2.57 5.19 -10.88
CA THR C 193 2.93 5.96 -12.06
C THR C 193 3.06 7.44 -11.71
N LEU C 194 3.45 7.74 -10.47
CA LEU C 194 3.84 9.10 -10.06
C LEU C 194 5.39 9.14 -9.94
N VAL C 195 5.95 10.15 -9.29
CA VAL C 195 7.37 10.09 -8.96
C VAL C 195 7.69 11.00 -7.79
N HIS C 199 15.12 15.99 -13.49
CA HIS C 199 16.10 16.04 -14.56
C HIS C 199 16.50 14.64 -15.07
N TYR C 200 16.27 13.60 -14.26
CA TYR C 200 16.72 12.23 -14.60
C TYR C 200 15.52 11.29 -14.86
N ARG C 201 14.34 11.88 -14.99
CA ARG C 201 13.11 11.14 -15.25
C ARG C 201 13.01 10.65 -16.71
N ALA C 202 12.73 9.36 -16.88
CA ALA C 202 12.63 8.79 -18.22
C ALA C 202 11.29 9.20 -18.84
N PRO C 203 11.24 9.26 -20.19
CA PRO C 203 10.01 9.65 -20.88
C PRO C 203 8.80 8.74 -20.62
N GLU C 204 9.03 7.45 -20.39
CA GLU C 204 7.91 6.57 -20.05
C GLU C 204 7.31 6.91 -18.69
N VAL C 205 8.15 7.47 -17.80
CA VAL C 205 7.67 7.97 -16.52
C VAL C 205 6.88 9.28 -16.67
N ILE C 206 7.47 10.25 -17.36
CA ILE C 206 6.83 11.53 -17.58
C ILE C 206 5.45 11.36 -18.23
N LEU C 207 5.33 10.40 -19.15
CA LEU C 207 4.08 10.18 -19.90
C LEU C 207 3.20 9.14 -19.23
N ALA C 208 3.69 8.55 -18.15
CA ALA C 208 2.89 7.65 -17.31
C ALA C 208 2.48 6.44 -18.12
N LEU C 209 3.46 5.78 -18.71
CA LEU C 209 3.22 4.61 -19.52
C LEU C 209 3.59 3.31 -18.80
N GLY C 210 4.11 3.44 -17.59
CA GLY C 210 4.60 2.29 -16.86
C GLY C 210 6.10 2.29 -16.99
N TRP C 211 6.75 1.63 -16.06
CA TRP C 211 8.20 1.64 -16.03
C TRP C 211 8.73 0.43 -15.26
N SER C 212 10.02 0.19 -15.40
CA SER C 212 10.70 -0.83 -14.60
C SER C 212 12.19 -0.57 -14.78
N GLN C 213 13.00 -1.62 -14.76
CA GLN C 213 14.43 -1.49 -14.88
C GLN C 213 14.91 -0.44 -15.94
N PRO C 214 14.34 -0.45 -17.15
CA PRO C 214 14.84 0.50 -18.16
C PRO C 214 14.90 1.97 -17.75
N CYS C 215 14.03 2.42 -16.82
CA CYS C 215 14.05 3.84 -16.42
C CYS C 215 15.36 4.23 -15.71
N ASP C 216 16.01 3.27 -15.06
CA ASP C 216 17.34 3.48 -14.49
C ASP C 216 18.39 3.73 -15.54
N VAL C 217 18.25 3.00 -16.66
CA VAL C 217 19.18 3.13 -17.76
C VAL C 217 19.10 4.53 -18.34
N TRP C 218 17.89 5.03 -18.54
CA TRP C 218 17.76 6.41 -18.96
C TRP C 218 18.50 7.34 -17.95
N SER C 219 18.30 7.09 -16.66
CA SER C 219 18.91 7.97 -15.67
C SER C 219 20.41 7.92 -15.81
N ILE C 220 20.96 6.71 -15.95
CA ILE C 220 22.40 6.62 -16.10
C ILE C 220 22.94 7.40 -17.34
N GLY C 221 22.21 7.30 -18.45
CA GLY C 221 22.53 8.09 -19.63
C GLY C 221 22.67 9.54 -19.32
N CYS C 222 21.73 10.09 -18.56
CA CYS C 222 21.79 11.52 -18.13
C CYS C 222 22.98 11.79 -17.27
N ILE C 223 23.25 10.87 -16.37
CA ILE C 223 24.38 11.06 -15.45
C ILE C 223 25.63 11.16 -16.27
N LEU C 224 25.80 10.23 -17.18
CA LEU C 224 27.04 10.21 -17.97
C LEU C 224 27.26 11.48 -18.76
N ILE C 225 26.20 12.03 -19.34
CA ILE C 225 26.35 13.25 -20.12
C ILE C 225 26.73 14.42 -19.20
N GLU C 226 26.23 14.41 -17.97
CA GLU C 226 26.60 15.48 -17.02
C GLU C 226 28.04 15.38 -16.54
N TYR C 227 28.52 14.16 -16.34
CA TYR C 227 29.93 13.97 -16.05
C TYR C 227 30.78 14.52 -17.16
N TYR C 228 30.37 14.26 -18.41
CA TYR C 228 31.14 14.69 -19.60
C TYR C 228 31.13 16.18 -19.77
N LEU C 229 29.99 16.81 -19.46
CA LEU C 229 29.85 18.25 -19.67
C LEU C 229 30.16 19.07 -18.43
N GLY C 230 29.89 18.53 -17.26
CA GLY C 230 30.06 19.28 -16.02
C GLY C 230 28.87 20.17 -15.71
N PHE C 231 27.75 19.94 -16.37
CA PHE C 231 26.51 20.60 -16.02
C PHE C 231 25.32 19.74 -16.40
N THR C 232 24.15 20.16 -15.92
CA THR C 232 22.91 19.38 -16.03
C THR C 232 22.36 19.53 -17.43
N VAL C 233 21.91 18.41 -17.99
CA VAL C 233 21.52 18.42 -19.39
C VAL C 233 20.07 18.89 -19.58
N PHE C 234 19.23 18.60 -18.58
CA PHE C 234 17.84 19.01 -18.60
C PHE C 234 17.52 19.94 -17.43
N PRO C 235 18.06 21.17 -17.46
CA PRO C 235 17.88 22.06 -16.32
C PRO C 235 16.50 22.68 -16.36
N THR C 236 15.51 21.91 -15.95
CA THR C 236 14.17 22.41 -15.89
C THR C 236 13.42 21.73 -14.77
N HIS C 237 12.37 22.40 -14.31
CA HIS C 237 11.49 21.85 -13.30
C HIS C 237 10.14 21.44 -13.95
N ASP C 238 9.79 22.11 -15.03
CA ASP C 238 8.55 21.86 -15.76
C ASP C 238 8.67 20.67 -16.71
N SER C 239 7.68 19.77 -16.68
CA SER C 239 7.69 18.57 -17.52
C SER C 239 7.59 18.81 -19.03
N LYS C 240 6.89 19.85 -19.44
CA LYS C 240 6.68 20.09 -20.87
C LYS C 240 7.98 20.57 -21.47
N GLU C 241 8.58 21.57 -20.82
CA GLU C 241 9.89 22.08 -21.19
C GLU C 241 10.95 20.96 -21.23
N HIS C 242 10.85 20.03 -20.27
CA HIS C 242 11.74 18.89 -20.23
C HIS C 242 11.58 18.07 -21.51
N LEU C 243 10.34 17.81 -21.91
CA LEU C 243 10.07 17.11 -23.17
C LEU C 243 10.58 17.90 -24.39
N ALA C 244 10.35 19.22 -24.39
CA ALA C 244 10.92 20.04 -25.46
C ALA C 244 12.45 19.91 -25.51
N MET C 245 13.08 19.85 -24.35
CA MET C 245 14.51 19.69 -24.32
C MET C 245 14.91 18.38 -24.95
N MET C 246 14.18 17.31 -24.62
CA MET C 246 14.51 16.01 -25.18
C MET C 246 14.45 16.04 -26.71
N GLU C 247 13.48 16.75 -27.26
CA GLU C 247 13.32 16.75 -28.70
C GLU C 247 14.45 17.47 -29.37
N ARG C 248 14.88 18.59 -28.79
CA ARG C 248 15.98 19.36 -29.36
C ARG C 248 17.30 18.56 -29.38
N ILE C 249 17.45 17.66 -28.43
CA ILE C 249 18.68 16.91 -28.25
C ILE C 249 18.63 15.54 -28.91
N LEU C 250 17.48 14.88 -28.82
CA LEU C 250 17.31 13.51 -29.27
C LEU C 250 16.32 13.36 -30.44
N GLY C 251 15.70 14.44 -30.89
CA GLY C 251 14.69 14.37 -31.94
C GLY C 251 13.29 14.05 -31.40
N PRO C 252 12.30 13.97 -32.31
CA PRO C 252 10.90 13.80 -31.90
C PRO C 252 10.63 12.51 -31.15
N LEU C 253 9.67 12.53 -30.23
CA LEU C 253 9.24 11.33 -29.53
C LEU C 253 8.55 10.40 -30.49
N PRO C 254 8.62 9.08 -30.25
CA PRO C 254 7.94 8.11 -31.09
C PRO C 254 6.44 8.36 -31.13
N LYS C 255 5.88 8.33 -32.35
CA LYS C 255 4.43 8.51 -32.57
C LYS C 255 3.66 7.57 -31.63
N HIS C 256 4.10 6.32 -31.53
CA HIS C 256 3.34 5.31 -30.77
C HIS C 256 3.31 5.55 -29.26
N MET C 257 4.33 6.21 -28.71
CA MET C 257 4.32 6.59 -27.30
C MET C 257 3.40 7.80 -27.04
N ILE C 258 3.38 8.74 -27.97
CA ILE C 258 2.50 9.91 -27.86
C ILE C 258 1.03 9.50 -27.89
N GLN C 259 0.65 8.61 -28.81
CA GLN C 259 -0.74 8.14 -28.91
C GLN C 259 -1.20 7.41 -27.65
N LYS C 260 -0.27 6.80 -26.91
CA LYS C 260 -0.59 5.97 -25.75
C LYS C 260 -0.70 6.73 -24.41
N THR C 261 -0.07 7.90 -24.31
CA THR C 261 0.01 8.59 -23.01
C THR C 261 -1.36 9.02 -22.51
N ARG C 262 -1.55 8.89 -21.20
CA ARG C 262 -2.73 9.41 -20.54
C ARG C 262 -2.61 10.93 -20.35
N LYS C 263 -1.42 11.49 -20.59
CA LYS C 263 -1.19 12.92 -20.41
C LYS C 263 -1.58 13.75 -21.63
N ARG C 264 -2.89 13.88 -21.86
CA ARG C 264 -3.44 14.70 -22.95
C ARG C 264 -2.96 16.16 -22.88
N LYS C 265 -2.62 16.62 -21.66
CA LYS C 265 -2.08 17.97 -21.43
C LYS C 265 -0.84 18.31 -22.25
N TYR C 266 0.25 17.56 -22.05
CA TYR C 266 1.53 17.85 -22.68
C TYR C 266 1.63 17.22 -24.07
N CYS C 288 20.14 23.92 -25.63
CA CYS C 288 20.04 22.53 -26.05
C CYS C 288 20.44 22.38 -27.53
N LYS C 289 21.11 21.27 -27.84
CA LYS C 289 21.59 20.97 -29.21
C LYS C 289 21.47 19.47 -29.48
N PRO C 290 21.49 19.07 -30.76
CA PRO C 290 21.56 17.64 -31.03
C PRO C 290 22.70 16.94 -30.26
N LEU C 291 22.40 15.79 -29.67
CA LEU C 291 23.34 15.06 -28.80
C LEU C 291 24.80 15.17 -29.22
N LYS C 292 25.10 14.74 -30.45
CA LYS C 292 26.50 14.58 -30.88
C LYS C 292 27.26 15.91 -30.96
N GLU C 293 26.52 17.01 -31.12
CA GLU C 293 27.12 18.33 -31.12
C GLU C 293 27.71 18.72 -29.76
N PHE C 294 27.32 18.04 -28.68
CA PHE C 294 27.97 18.21 -27.39
C PHE C 294 29.37 17.62 -27.28
N MET C 295 29.81 16.84 -28.26
CA MET C 295 31.12 16.21 -28.16
C MET C 295 32.21 17.25 -28.21
N LEU C 296 33.28 17.02 -27.48
CA LEU C 296 34.38 17.96 -27.42
C LEU C 296 35.56 17.48 -28.26
N SER C 297 35.39 16.32 -28.86
CA SER C 297 36.47 15.72 -29.61
C SER C 297 35.91 14.60 -30.47
N GLN C 298 36.51 14.44 -31.65
CA GLN C 298 36.15 13.37 -32.56
C GLN C 298 36.89 12.07 -32.22
N ASP C 299 37.87 12.15 -31.32
CA ASP C 299 38.59 10.98 -30.83
C ASP C 299 37.66 9.80 -30.59
N VAL C 300 38.13 8.61 -30.91
CA VAL C 300 37.27 7.46 -30.95
C VAL C 300 36.68 7.16 -29.59
N GLU C 301 37.42 7.41 -28.52
CA GLU C 301 36.90 7.14 -27.16
C GLU C 301 35.74 8.05 -26.82
N HIS C 302 35.77 9.27 -27.28
CA HIS C 302 34.63 10.14 -27.10
C HIS C 302 33.44 9.61 -27.87
N GLU C 303 33.67 9.21 -29.11
CA GLU C 303 32.59 8.67 -29.96
C GLU C 303 31.97 7.44 -29.31
N ARG C 304 32.82 6.60 -28.74
CA ARG C 304 32.36 5.42 -28.08
C ARG C 304 31.47 5.74 -26.88
N LEU C 305 31.85 6.72 -26.08
CA LEU C 305 31.02 7.13 -24.99
C LEU C 305 29.68 7.61 -25.48
N PHE C 306 29.69 8.46 -26.53
CA PHE C 306 28.46 9.04 -26.99
C PHE C 306 27.54 8.05 -27.68
N ASP C 307 28.09 6.94 -28.16
CA ASP C 307 27.24 5.90 -28.74
C ASP C 307 26.52 5.18 -27.61
N LEU C 308 27.22 4.92 -26.51
CA LEU C 308 26.60 4.31 -25.35
C LEU C 308 25.50 5.18 -24.74
N ILE C 309 25.78 6.46 -24.58
CA ILE C 309 24.81 7.39 -24.05
C ILE C 309 23.58 7.41 -24.93
N GLN C 310 23.81 7.48 -26.25
CA GLN C 310 22.67 7.52 -27.18
C GLN C 310 21.74 6.33 -27.01
N LYS C 311 22.32 5.17 -26.74
CA LYS C 311 21.54 3.95 -26.57
C LYS C 311 20.85 3.83 -25.23
N MET C 312 21.41 4.50 -24.23
CA MET C 312 20.76 4.62 -22.96
C MET C 312 19.61 5.60 -23.04
N LEU C 313 19.71 6.57 -23.96
CA LEU C 313 18.68 7.58 -24.12
C LEU C 313 17.78 7.28 -25.28
N GLU C 314 17.63 5.99 -25.56
CA GLU C 314 16.57 5.55 -26.46
C GLU C 314 15.21 5.82 -25.79
N TYR C 315 14.34 6.55 -26.48
CA TYR C 315 12.99 6.88 -25.97
C TYR C 315 12.18 5.66 -25.57
N ASP C 316 12.12 4.67 -26.43
CA ASP C 316 11.29 3.50 -26.20
C ASP C 316 11.94 2.55 -25.22
N PRO C 317 11.35 2.36 -24.04
CA PRO C 317 12.02 1.53 -23.04
C PRO C 317 12.23 0.08 -23.48
N ALA C 318 11.33 -0.42 -24.29
CA ALA C 318 11.46 -1.76 -24.83
C ALA C 318 12.71 -1.92 -25.73
N LYS C 319 13.15 -0.83 -26.38
CA LYS C 319 14.34 -0.84 -27.26
C LYS C 319 15.63 -0.39 -26.59
N ARG C 320 15.52 0.29 -25.45
CA ARG C 320 16.65 0.84 -24.74
C ARG C 320 17.63 -0.26 -24.35
N ILE C 321 18.92 0.04 -24.43
CA ILE C 321 19.92 -0.93 -24.07
C ILE C 321 19.75 -1.31 -22.59
N THR C 322 20.03 -2.56 -22.26
CA THR C 322 20.07 -3.01 -20.87
C THR C 322 21.45 -2.87 -20.33
N LEU C 323 21.58 -2.86 -19.02
CA LEU C 323 22.90 -2.73 -18.40
C LEU C 323 23.78 -3.94 -18.70
N ARG C 324 23.15 -5.11 -18.84
CA ARG C 324 23.90 -6.32 -19.17
C ARG C 324 24.63 -6.12 -20.50
N GLU C 325 23.93 -5.58 -21.49
CA GLU C 325 24.49 -5.25 -22.78
C GLU C 325 25.47 -4.09 -22.63
N ALA C 326 25.09 -3.10 -21.84
CA ALA C 326 25.91 -1.93 -21.68
C ALA C 326 27.30 -2.28 -21.17
N LEU C 327 27.41 -3.23 -20.24
CA LEU C 327 28.73 -3.65 -19.70
C LEU C 327 29.66 -4.29 -20.75
N LYS C 328 29.11 -4.68 -21.90
CA LYS C 328 29.92 -5.26 -23.02
C LYS C 328 30.25 -4.22 -24.08
N HIS C 329 29.87 -2.97 -23.85
CA HIS C 329 29.99 -1.93 -24.87
C HIS C 329 31.45 -1.56 -25.02
N PRO C 330 31.89 -1.26 -26.26
CA PRO C 330 33.31 -1.00 -26.56
C PRO C 330 33.96 0.09 -25.73
N PHE C 331 33.16 1.04 -25.22
CA PHE C 331 33.66 2.11 -24.37
C PHE C 331 34.38 1.51 -23.20
N PHE C 332 33.98 0.33 -22.77
CA PHE C 332 34.57 -0.27 -21.59
C PHE C 332 35.77 -1.15 -21.87
N ASP C 333 36.07 -1.42 -23.14
CA ASP C 333 37.17 -2.32 -23.50
C ASP C 333 38.49 -1.92 -22.85
N LEU C 334 38.76 -0.61 -22.74
CA LEU C 334 40.03 -0.16 -22.16
C LEU C 334 40.22 -0.63 -20.73
N LEU C 335 39.13 -0.99 -20.05
CA LEU C 335 39.24 -1.50 -18.66
C LEU C 335 39.57 -2.98 -18.55
N LYS C 336 39.76 -3.68 -19.68
CA LYS C 336 39.92 -5.12 -19.66
C LYS C 336 41.21 -5.54 -20.35
N LYS C 337 41.76 -6.68 -19.94
CA LYS C 337 43.07 -7.11 -20.44
C LYS C 337 43.01 -7.48 -21.92
N SER C 338 43.58 -6.61 -22.76
CA SER C 338 43.82 -6.88 -24.19
C SER C 338 43.30 -8.22 -24.64
C4 6FD D . -25.85 1.51 -20.72
C5 6FD D . -26.78 2.36 -21.30
C6 6FD D . -28.15 2.13 -21.55
N1 6FD D . -28.97 2.99 -22.12
C7 6FD D . -28.44 4.16 -22.48
C8 6FD D . -26.35 3.64 -21.71
N2 6FD D . -29.29 5.07 -23.00
C9 6FD D . -24.99 4.03 -21.51
C10 6FD D . -24.09 3.16 -20.88
N3 6FD D . -27.18 4.52 -22.30
N4 6FD D . -24.58 5.24 -21.89
C 6FD D . -22.76 3.53 -20.57
C3 6FD D . -24.52 1.88 -20.50
C2 6FD D . -23.59 1.06 -19.84
N 6FD D . -22.33 1.41 -19.57
C1 6FD D . -21.95 2.64 -19.93
C1 GOL E . -1.20 14.99 -11.05
O1 GOL E . -0.44 16.02 -10.40
C2 GOL E . -2.37 15.63 -11.80
O2 GOL E . -2.42 17.04 -11.53
C3 GOL E . -2.29 15.37 -13.31
O3 GOL E . -3.02 14.17 -13.62
C4 6FD F . -6.66 -7.32 24.07
C5 6FD F . -7.96 -7.75 23.77
C6 6FD F . -8.97 -7.11 23.01
N1 6FD F . -10.14 -7.64 22.71
C7 6FD F . -10.37 -8.86 23.20
C8 6FD F . -8.34 -9.03 24.20
N2 6FD F . -11.54 -9.42 22.90
C9 6FD F . -7.44 -9.85 24.94
C10 6FD F . -6.12 -9.40 25.17
N3 6FD F . -9.53 -9.58 23.92
N4 6FD F . -7.83 -11.03 25.35
C 6FD F . -5.13 -10.20 25.77
C3 6FD F . -5.73 -8.12 24.71
C2 6FD F . -4.39 -7.76 24.89
N 6FD F . -3.46 -8.54 25.43
C1 6FD F . -3.86 -9.75 25.86
C4 6FD G . 25.06 7.34 2.90
C5 6FD G . 26.20 8.11 3.02
C6 6FD G . 27.49 7.72 3.47
N1 6FD G . 28.55 8.51 3.50
C7 6FD G . 28.35 9.79 3.09
C8 6FD G . 26.13 9.47 2.63
N2 6FD G . 29.41 10.59 3.03
C9 6FD G . 24.92 10.00 2.09
C10 6FD G . 23.81 9.17 1.93
N3 6FD G . 27.20 10.30 2.67
N4 6FD G . 24.84 11.28 1.72
C 6FD G . 22.60 9.63 1.37
C3 6FD G . 23.87 7.84 2.39
C2 6FD G . 22.68 7.08 2.29
N 6FD G . 21.54 7.54 1.80
C1 6FD G . 21.52 8.80 1.35
C1 GOL H . 35.03 -0.09 13.80
O1 GOL H . 35.85 0.28 14.92
C2 GOL H . 35.23 -1.54 13.48
O2 GOL H . 34.84 -1.66 12.12
C3 GOL H . 36.71 -1.95 13.62
O3 GOL H . 37.08 -3.06 12.74
#